data_9EVI
#
_entry.id   9EVI
#
_cell.length_a   47.344
_cell.length_b   80.985
_cell.length_c   73.993
_cell.angle_alpha   90.00
_cell.angle_beta   98.30
_cell.angle_gamma   90.00
#
_symmetry.space_group_name_H-M   'P 1 21 1'
#
loop_
_entity.id
_entity.type
_entity.pdbx_description
1 polymer 'Lipase B'
2 non-polymer 'L(+)-TARTARIC ACID'
3 non-polymer 'SODIUM ION'
4 non-polymer DI(HYDROXYETHYL)ETHER
5 non-polymer 'TETRAETHYLENE GLYCOL'
6 water water
#
_entity_poly.entity_id   1
_entity_poly.type   'polypeptide(L)'
_entity_poly.pdbx_seq_one_letter_code
;ATPLVKRLPSGSDPAFSQPKSVLDAGLTCQGASPSSVSKPILLVPGTGTTGPQSFDSNWIPLSTQLGYTPCWISPPPFML
NDTQVNTEYMVNAITALYAGSGNNKLPVLTWSQGGLVAQWGLTFFPSIRSKVDRLMAFAPDYKGTVLAGPLDALAVSAPS
VWQQTTGSALTTALRNAGGLTQIVPTTNLYSATDEIVQPQVSNSPLDSSYLFNGKNVQAQAVCGPLFVIDHAGSLTSQFS
YVVGRSALRSTTGQARSADYGITDCNPLPANDLTPEQKVAAAALLAPAAAAIVAGPKQNCEPDLMPYARPFAVGKRTCSG
IVTP
;
_entity_poly.pdbx_strand_id   A,B
#
loop_
_chem_comp.id
_chem_comp.type
_chem_comp.name
_chem_comp.formula
NA non-polymer 'SODIUM ION' 'Na 1'
PEG non-polymer DI(HYDROXYETHYL)ETHER 'C4 H10 O3'
PG4 non-polymer 'TETRAETHYLENE GLYCOL' 'C8 H18 O5'
TLA non-polymer 'L(+)-TARTARIC ACID' 'C4 H6 O6'
#
# COMPACT_ATOMS: atom_id res chain seq x y z
N ALA A 1 -18.18 12.05 9.36
CA ALA A 1 -16.99 12.83 9.02
C ALA A 1 -15.81 11.91 8.80
N THR A 2 -14.61 12.47 8.83
CA THR A 2 -13.41 11.65 8.69
C THR A 2 -13.28 10.73 9.90
N PRO A 3 -12.87 9.48 9.71
CA PRO A 3 -12.69 8.58 10.85
C PRO A 3 -11.35 8.84 11.53
N LEU A 4 -11.22 8.32 12.75
CA LEU A 4 -9.94 8.37 13.43
C LEU A 4 -9.06 7.26 12.88
N VAL A 5 -7.92 7.65 12.31
CA VAL A 5 -6.97 6.72 11.69
C VAL A 5 -5.58 7.24 12.02
N LYS A 6 -4.82 6.47 12.81
CA LYS A 6 -3.46 6.89 13.11
C LYS A 6 -2.64 6.89 11.84
N ARG A 7 -2.12 8.06 11.49
CA ARG A 7 -1.44 8.26 10.22
C ARG A 7 -0.08 7.58 10.15
N LEU A 8 0.46 7.14 11.28
CA LEU A 8 1.84 6.67 11.31
C LEU A 8 1.97 5.58 12.36
N PRO A 9 3.00 4.73 12.24
CA PRO A 9 3.34 3.83 13.35
C PRO A 9 3.51 4.58 14.66
N SER A 10 3.19 3.90 15.76
CA SER A 10 3.21 4.46 17.09
C SER A 10 3.96 3.54 18.03
N GLY A 11 4.16 4.01 19.26
CA GLY A 11 4.76 3.18 20.28
C GLY A 11 6.26 3.31 20.35
N SER A 12 6.88 2.28 20.93
CA SER A 12 8.31 2.28 21.13
CA SER A 12 8.31 2.28 21.13
C SER A 12 9.05 2.13 19.80
N ASP A 13 10.28 2.61 19.78
CA ASP A 13 11.11 2.47 18.61
C ASP A 13 11.47 1.00 18.40
N PRO A 14 11.52 0.53 17.16
CA PRO A 14 12.07 -0.81 16.92
C PRO A 14 13.52 -0.88 17.37
N ALA A 15 13.94 -2.09 17.72
CA ALA A 15 15.34 -2.30 18.10
C ALA A 15 16.24 -2.10 16.89
N PHE A 16 17.46 -1.68 17.16
CA PHE A 16 18.49 -1.58 16.13
C PHE A 16 19.15 -2.95 15.92
N SER A 17 19.51 -3.22 14.67
CA SER A 17 20.34 -4.38 14.34
C SER A 17 21.80 -4.14 14.67
N GLN A 18 22.25 -2.86 14.70
CA GLN A 18 23.64 -2.53 15.00
C GLN A 18 23.77 -2.01 16.42
N PRO A 19 24.89 -2.30 17.09
CA PRO A 19 25.11 -1.76 18.43
C PRO A 19 25.33 -0.26 18.38
N LYS A 20 25.07 0.38 19.53
CA LYS A 20 25.27 1.82 19.63
C LYS A 20 26.66 2.23 19.21
N SER A 21 27.70 1.48 19.64
CA SER A 21 29.07 1.88 19.35
C SER A 21 29.33 1.93 17.84
N VAL A 22 28.71 1.01 17.09
CA VAL A 22 28.88 1.01 15.65
C VAL A 22 28.17 2.20 15.04
N LEU A 23 26.95 2.45 15.47
CA LEU A 23 26.20 3.59 14.95
C LEU A 23 26.90 4.90 15.29
N ASP A 24 27.42 5.02 16.51
CA ASP A 24 28.13 6.23 16.90
C ASP A 24 29.36 6.44 16.02
N ALA A 25 30.05 5.36 15.66
CA ALA A 25 31.26 5.48 14.84
C ALA A 25 30.97 6.09 13.47
N GLY A 26 29.73 5.99 12.99
CA GLY A 26 29.37 6.55 11.71
C GLY A 26 28.99 7.99 11.72
N LEU A 27 29.03 8.64 12.89
CA LEU A 27 28.60 10.03 13.05
C LEU A 27 29.81 10.90 13.37
N THR A 28 29.93 12.01 12.65
CA THR A 28 31.02 12.96 12.86
C THR A 28 30.47 14.38 12.77
N CYS A 29 30.97 15.27 13.62
CA CYS A 29 30.66 16.69 13.52
C CYS A 29 31.96 17.46 13.24
N GLN A 30 31.82 18.56 12.51
CA GLN A 30 32.96 19.42 12.23
C GLN A 30 33.34 20.20 13.48
N GLY A 31 34.56 19.96 13.97
CA GLY A 31 35.08 20.73 15.08
C GLY A 31 34.39 20.53 16.41
N ALA A 32 33.67 19.43 16.57
CA ALA A 32 32.95 19.17 17.81
C ALA A 32 32.65 17.68 17.91
N SER A 33 32.35 17.24 19.13
CA SER A 33 31.80 15.92 19.37
C SER A 33 30.28 16.01 19.44
N PRO A 34 29.56 15.01 18.94
CA PRO A 34 28.09 15.01 19.09
C PRO A 34 27.62 15.14 20.52
N SER A 35 28.46 14.76 21.49
CA SER A 35 28.06 14.81 22.89
CA SER A 35 28.07 14.80 22.90
C SER A 35 27.99 16.23 23.44
N SER A 36 28.53 17.22 22.72
CA SER A 36 28.52 18.59 23.21
C SER A 36 28.71 19.49 21.98
N VAL A 37 27.60 19.85 21.36
CA VAL A 37 27.64 20.56 20.08
C VAL A 37 26.60 21.66 20.09
N SER A 38 26.96 22.80 19.49
CA SER A 38 26.08 23.95 19.38
C SER A 38 25.43 24.00 18.01
N LYS A 39 24.11 24.15 18.00
CA LYS A 39 23.35 24.30 16.77
C LYS A 39 23.74 23.27 15.70
N PRO A 40 23.67 21.98 16.02
CA PRO A 40 23.97 20.96 15.01
C PRO A 40 22.95 20.97 13.88
N ILE A 41 23.41 20.65 12.69
CA ILE A 41 22.57 20.24 11.57
C ILE A 41 23.06 18.87 11.13
N LEU A 42 22.14 17.93 10.94
CA LEU A 42 22.50 16.57 10.56
C LEU A 42 22.34 16.41 9.06
N LEU A 43 23.41 16.01 8.38
CA LEU A 43 23.42 15.83 6.94
C LEU A 43 23.46 14.35 6.59
N VAL A 44 22.54 13.92 5.72
CA VAL A 44 22.39 12.52 5.37
C VAL A 44 22.72 12.35 3.89
N PRO A 45 23.75 11.59 3.53
CA PRO A 45 24.29 11.59 2.17
C PRO A 45 23.50 10.73 1.20
N GLY A 46 23.93 10.79 -0.06
CA GLY A 46 23.30 10.03 -1.12
C GLY A 46 23.96 8.69 -1.38
N THR A 47 23.30 7.89 -2.23
CA THR A 47 23.79 6.57 -2.57
C THR A 47 25.18 6.66 -3.17
N GLY A 48 26.07 5.77 -2.72
CA GLY A 48 27.40 5.70 -3.27
C GLY A 48 28.37 6.71 -2.72
N THR A 49 28.05 7.36 -1.60
CA THR A 49 28.93 8.35 -1.02
C THR A 49 28.96 8.22 0.49
N THR A 50 29.99 8.83 1.08
CA THR A 50 30.04 9.14 2.49
C THR A 50 29.49 10.55 2.70
N GLY A 51 29.31 10.91 3.96
CA GLY A 51 28.92 12.26 4.31
C GLY A 51 29.81 13.32 3.69
N PRO A 52 31.13 13.22 3.88
CA PRO A 52 32.02 14.22 3.27
C PRO A 52 31.94 14.24 1.75
N GLN A 53 31.82 13.09 1.11
CA GLN A 53 31.74 13.09 -0.35
C GLN A 53 30.46 13.77 -0.83
N SER A 54 29.35 13.60 -0.10
CA SER A 54 28.12 14.28 -0.50
C SER A 54 28.20 15.78 -0.24
N PHE A 55 28.82 16.21 0.86
CA PHE A 55 28.59 17.55 1.37
C PHE A 55 29.81 18.45 1.54
N ASP A 56 31.03 17.94 1.38
CA ASP A 56 32.22 18.78 1.55
C ASP A 56 32.17 19.97 0.60
N SER A 57 31.63 19.77 -0.60
CA SER A 57 31.65 20.79 -1.64
C SER A 57 30.44 21.70 -1.60
N ASN A 58 29.57 21.53 -0.61
CA ASN A 58 28.31 22.29 -0.59
C ASN A 58 27.86 22.56 0.83
N TRP A 59 27.00 21.71 1.40
CA TRP A 59 26.29 22.11 2.62
C TRP A 59 27.11 22.02 3.90
N ILE A 60 28.27 21.37 3.91
CA ILE A 60 29.16 21.49 5.08
C ILE A 60 29.61 22.95 5.20
N PRO A 61 30.30 23.52 4.21
CA PRO A 61 30.67 24.95 4.33
C PRO A 61 29.48 25.88 4.35
N LEU A 62 28.44 25.62 3.55
CA LEU A 62 27.33 26.58 3.49
C LEU A 62 26.56 26.62 4.82
N SER A 63 26.33 25.46 5.44
CA SER A 63 25.66 25.49 6.74
C SER A 63 26.55 26.09 7.82
N THR A 64 27.86 25.88 7.73
CA THR A 64 28.77 26.53 8.67
C THR A 64 28.62 28.05 8.58
N GLN A 65 28.55 28.59 7.37
N GLN A 65 28.57 28.59 7.35
CA GLN A 65 28.45 30.03 7.19
CA GLN A 65 28.44 30.03 7.18
C GLN A 65 27.08 30.57 7.55
C GLN A 65 27.13 30.54 7.76
N LEU A 66 26.11 29.70 7.83
CA LEU A 66 24.81 30.09 8.33
C LEU A 66 24.72 29.93 9.85
N GLY A 67 25.80 29.51 10.50
CA GLY A 67 25.85 29.46 11.95
C GLY A 67 25.65 28.10 12.58
N TYR A 68 25.52 27.04 11.78
CA TYR A 68 25.35 25.69 12.30
C TYR A 68 26.69 25.00 12.47
N THR A 69 26.69 23.95 13.29
CA THR A 69 27.79 22.99 13.28
C THR A 69 27.34 21.82 12.42
N PRO A 70 27.93 21.61 11.23
CA PRO A 70 27.51 20.48 10.39
C PRO A 70 27.99 19.17 10.99
N CYS A 71 27.08 18.19 11.02
CA CYS A 71 27.38 16.82 11.40
C CYS A 71 26.82 15.93 10.30
N TRP A 72 27.43 14.76 10.13
CA TRP A 72 26.99 13.88 9.06
C TRP A 72 27.15 12.44 9.50
N ILE A 73 26.36 11.57 8.86
CA ILE A 73 26.54 10.13 8.99
C ILE A 73 27.13 9.60 7.69
N SER A 74 27.91 8.53 7.82
CA SER A 74 28.50 7.83 6.68
C SER A 74 28.25 6.33 6.85
N PRO A 75 27.01 5.89 6.66
CA PRO A 75 26.73 4.46 6.78
C PRO A 75 27.53 3.67 5.78
N PRO A 76 28.24 2.64 6.21
CA PRO A 76 29.09 1.87 5.28
C PRO A 76 28.30 0.78 4.59
N PRO A 77 28.73 0.35 3.40
CA PRO A 77 29.77 0.95 2.57
C PRO A 77 29.11 1.97 1.62
N PHE A 78 29.38 3.26 1.83
CA PHE A 78 28.96 4.29 0.89
C PHE A 78 27.45 4.27 0.61
N MET A 79 26.66 4.06 1.66
CA MET A 79 25.19 4.10 1.56
C MET A 79 24.64 3.01 0.64
N LEU A 80 25.43 1.97 0.37
CA LEU A 80 25.02 0.91 -0.54
C LEU A 80 24.34 -0.25 0.15
N ASN A 81 24.47 -0.34 1.47
N ASN A 81 24.47 -0.36 1.46
CA ASN A 81 23.82 -1.37 2.27
CA ASN A 81 23.78 -1.46 2.13
C ASN A 81 22.34 -1.04 2.45
C ASN A 81 22.37 -1.03 2.53
N ASP A 82 21.61 -2.01 3.02
CA ASP A 82 20.21 -1.89 3.41
C ASP A 82 19.85 -0.50 3.92
N THR A 83 18.93 0.16 3.21
CA THR A 83 18.43 1.46 3.64
C THR A 83 17.91 1.45 5.07
N GLN A 84 17.40 0.32 5.54
CA GLN A 84 16.92 0.23 6.91
C GLN A 84 18.06 0.34 7.91
N VAL A 85 19.23 -0.24 7.58
CA VAL A 85 20.41 -0.07 8.42
C VAL A 85 20.93 1.35 8.32
N ASN A 86 20.97 1.91 7.09
CA ASN A 86 21.38 3.30 6.96
C ASN A 86 20.52 4.19 7.84
N THR A 87 19.24 3.86 7.98
CA THR A 87 18.35 4.66 8.83
C THR A 87 18.72 4.53 10.30
N GLU A 88 19.20 3.37 10.75
CA GLU A 88 19.61 3.24 12.14
C GLU A 88 20.68 4.27 12.47
N TYR A 89 21.61 4.51 11.54
CA TYR A 89 22.63 5.51 11.76
C TYR A 89 22.00 6.88 11.95
N MET A 90 20.98 7.19 11.16
CA MET A 90 20.35 8.51 11.27
C MET A 90 19.58 8.65 12.58
N VAL A 91 18.80 7.62 12.93
CA VAL A 91 18.02 7.68 14.17
C VAL A 91 18.94 7.84 15.37
N ASN A 92 19.98 7.01 15.45
CA ASN A 92 20.93 7.15 16.55
C ASN A 92 21.56 8.54 16.56
N ALA A 93 21.89 9.07 15.39
CA ALA A 93 22.53 10.38 15.33
C ALA A 93 21.60 11.49 15.83
N ILE A 94 20.32 11.42 15.48
CA ILE A 94 19.36 12.40 15.99
C ILE A 94 19.28 12.30 17.51
N THR A 95 19.17 11.09 18.03
CA THR A 95 19.14 10.90 19.48
C THR A 95 20.39 11.50 20.12
N ALA A 96 21.56 11.27 19.53
CA ALA A 96 22.79 11.76 20.12
C ALA A 96 22.90 13.28 20.03
N LEU A 97 22.57 13.84 18.85
CA LEU A 97 22.72 15.28 18.67
C LEU A 97 21.66 16.07 19.45
N TYR A 98 20.46 15.53 19.57
CA TYR A 98 19.44 16.16 20.41
C TYR A 98 19.95 16.25 21.84
N ALA A 99 20.48 15.14 22.35
CA ALA A 99 20.98 15.12 23.71
C ALA A 99 22.23 15.98 23.87
N GLY A 100 23.13 15.96 22.87
CA GLY A 100 24.36 16.72 22.95
C GLY A 100 24.23 18.21 22.75
N SER A 101 23.06 18.68 22.32
CA SER A 101 22.78 20.10 22.17
C SER A 101 21.78 20.59 23.21
N GLY A 102 21.63 19.87 24.31
CA GLY A 102 20.78 20.32 25.41
C GLY A 102 19.32 20.02 25.24
N ASN A 103 18.98 18.92 24.56
CA ASN A 103 17.59 18.58 24.24
C ASN A 103 16.92 19.69 23.45
N ASN A 104 17.58 20.13 22.39
CA ASN A 104 17.03 21.10 21.46
C ASN A 104 16.86 20.45 20.10
N LYS A 105 15.72 20.70 19.47
CA LYS A 105 15.47 20.12 18.16
C LYS A 105 16.54 20.60 17.18
N LEU A 106 16.78 19.78 16.15
CA LEU A 106 17.78 20.12 15.15
C LEU A 106 17.23 19.88 13.75
N PRO A 107 17.73 20.61 12.77
CA PRO A 107 17.33 20.36 11.38
C PRO A 107 18.11 19.21 10.76
N VAL A 108 17.46 18.56 9.79
CA VAL A 108 18.06 17.49 8.99
C VAL A 108 18.01 17.93 7.54
N LEU A 109 19.13 17.77 6.85
CA LEU A 109 19.28 18.18 5.45
C LEU A 109 19.89 17.01 4.69
N THR A 110 19.31 16.67 3.54
CA THR A 110 19.62 15.40 2.92
C THR A 110 19.78 15.56 1.41
N TRP A 111 20.45 14.58 0.81
CA TRP A 111 20.53 14.46 -0.64
C TRP A 111 20.13 13.05 -1.03
N SER A 112 19.30 12.93 -2.07
CA SER A 112 19.04 11.66 -2.75
C SER A 112 18.50 10.67 -1.72
N GLN A 113 19.06 9.45 -1.63
CA GLN A 113 18.59 8.43 -0.69
C GLN A 113 18.50 8.95 0.73
N GLY A 114 19.33 9.93 1.09
CA GLY A 114 19.29 10.47 2.44
C GLY A 114 17.91 10.95 2.85
N GLY A 115 17.13 11.45 1.89
CA GLY A 115 15.79 11.90 2.22
C GLY A 115 14.84 10.73 2.44
N LEU A 116 14.97 9.69 1.62
CA LEU A 116 14.23 8.47 1.88
C LEU A 116 14.57 7.92 3.26
N VAL A 117 15.85 7.92 3.62
CA VAL A 117 16.28 7.47 4.95
C VAL A 117 15.64 8.31 6.04
N ALA A 118 15.64 9.64 5.87
CA ALA A 118 15.06 10.52 6.88
C ALA A 118 13.58 10.23 7.07
N GLN A 119 12.84 10.12 5.97
CA GLN A 119 11.40 9.87 6.07
C GLN A 119 11.11 8.47 6.58
N TRP A 120 11.93 7.48 6.21
CA TRP A 120 11.79 6.15 6.78
C TRP A 120 11.97 6.18 8.29
N GLY A 121 12.98 6.92 8.76
CA GLY A 121 13.19 7.02 10.20
C GLY A 121 12.05 7.71 10.91
N LEU A 122 11.56 8.81 10.35
CA LEU A 122 10.44 9.51 10.99
C LEU A 122 9.18 8.65 10.98
N THR A 123 9.02 7.79 9.96
CA THR A 123 7.82 6.95 9.89
C THR A 123 7.86 5.84 10.94
N PHE A 124 9.00 5.17 11.12
CA PHE A 124 9.04 3.94 11.88
C PHE A 124 9.73 4.06 13.24
N PHE A 125 10.31 5.21 13.57
CA PHE A 125 11.00 5.44 14.84
C PHE A 125 10.40 6.67 15.49
N PRO A 126 9.27 6.53 16.18
CA PRO A 126 8.55 7.72 16.65
C PRO A 126 9.35 8.63 17.58
N SER A 127 10.38 8.12 18.27
CA SER A 127 11.06 8.95 19.26
C SER A 127 11.71 10.18 18.64
N ILE A 128 12.08 10.10 17.35
CA ILE A 128 12.81 11.22 16.75
C ILE A 128 11.92 12.32 16.23
N ARG A 129 10.60 12.11 16.18
CA ARG A 129 9.72 13.12 15.63
C ARG A 129 9.74 14.41 16.43
N SER A 130 9.96 14.30 17.74
CA SER A 130 10.02 15.47 18.61
C SER A 130 11.43 16.05 18.71
N LYS A 131 12.39 15.52 17.95
CA LYS A 131 13.76 15.95 18.01
C LYS A 131 14.26 16.58 16.72
N VAL A 132 13.46 16.53 15.65
CA VAL A 132 13.80 17.11 14.36
C VAL A 132 12.84 18.28 14.14
N ASP A 133 13.38 19.49 13.99
CA ASP A 133 12.49 20.63 13.81
C ASP A 133 12.08 20.82 12.35
N ARG A 134 12.83 20.27 11.40
CA ARG A 134 12.52 20.42 10.00
C ARG A 134 13.39 19.48 9.19
N LEU A 135 12.92 19.18 7.98
CA LEU A 135 13.64 18.36 7.02
C LEU A 135 13.77 19.16 5.74
N MET A 136 15.00 19.32 5.25
CA MET A 136 15.29 20.01 3.98
C MET A 136 15.91 18.95 3.08
N ALA A 137 15.12 18.39 2.18
CA ALA A 137 15.51 17.26 1.35
C ALA A 137 15.73 17.72 -0.08
N PHE A 138 16.92 17.45 -0.62
CA PHE A 138 17.26 17.76 -2.00
C PHE A 138 17.20 16.48 -2.82
N ALA A 139 16.41 16.52 -3.89
CA ALA A 139 16.17 15.37 -4.75
C ALA A 139 15.86 14.06 -4.01
N PRO A 140 14.94 14.08 -3.03
CA PRO A 140 14.58 12.84 -2.34
C PRO A 140 13.79 11.90 -3.24
N ASP A 141 14.02 10.60 -3.07
CA ASP A 141 13.33 9.60 -3.87
C ASP A 141 12.40 8.76 -3.00
N TYR A 142 11.34 9.40 -2.49
CA TYR A 142 10.43 8.69 -1.58
C TYR A 142 9.66 7.59 -2.30
N LYS A 143 9.42 7.73 -3.61
CA LYS A 143 8.82 6.68 -4.43
C LYS A 143 9.87 5.83 -5.13
N GLY A 144 11.15 6.03 -4.84
CA GLY A 144 12.19 5.39 -5.61
C GLY A 144 12.30 6.04 -6.99
N THR A 145 12.79 5.26 -7.94
CA THR A 145 12.96 5.73 -9.30
C THR A 145 12.67 4.62 -10.29
N VAL A 146 12.12 5.01 -11.45
CA VAL A 146 11.87 4.06 -12.53
C VAL A 146 13.08 3.86 -13.44
N LEU A 147 14.14 4.65 -13.28
CA LEU A 147 15.30 4.58 -14.15
C LEU A 147 16.35 3.61 -13.59
N ALA A 148 17.12 3.02 -14.51
CA ALA A 148 18.29 2.19 -14.18
C ALA A 148 17.96 1.12 -13.14
N GLY A 149 17.18 0.15 -13.59
CA GLY A 149 16.75 -0.93 -12.73
C GLY A 149 17.87 -1.84 -12.29
N PRO A 150 17.64 -2.58 -11.21
CA PRO A 150 18.70 -3.47 -10.68
C PRO A 150 19.12 -4.59 -11.62
N LEU A 151 18.31 -4.94 -12.62
CA LEU A 151 18.65 -6.00 -13.55
C LEU A 151 19.31 -5.47 -14.83
N ASP A 152 19.57 -4.18 -14.93
CA ASP A 152 20.31 -3.66 -16.08
C ASP A 152 21.76 -4.08 -15.96
N ALA A 153 22.32 -4.59 -17.05
CA ALA A 153 23.72 -5.05 -17.09
C ALA A 153 23.85 -6.23 -16.15
N LEU A 154 24.82 -6.25 -15.24
CA LEU A 154 24.97 -7.36 -14.31
C LEU A 154 23.68 -7.55 -13.51
N ALA A 155 23.26 -8.82 -13.38
CA ALA A 155 21.99 -9.17 -12.75
C ALA A 155 22.02 -9.10 -11.22
N VAL A 156 23.04 -8.48 -10.64
CA VAL A 156 23.07 -8.17 -9.22
C VAL A 156 23.24 -6.66 -9.07
N SER A 157 22.70 -6.11 -7.98
CA SER A 157 22.78 -4.68 -7.69
C SER A 157 22.85 -4.48 -6.18
N ALA A 158 23.31 -3.29 -5.78
CA ALA A 158 23.49 -2.99 -4.37
C ALA A 158 22.16 -3.11 -3.63
N PRO A 159 22.19 -3.56 -2.36
CA PRO A 159 20.97 -3.59 -1.55
C PRO A 159 20.10 -2.33 -1.65
N SER A 160 20.70 -1.15 -1.48
CA SER A 160 19.88 0.06 -1.46
C SER A 160 19.40 0.45 -2.86
N VAL A 161 20.05 -0.06 -3.91
CA VAL A 161 19.54 0.19 -5.25
C VAL A 161 18.26 -0.60 -5.49
N TRP A 162 18.22 -1.87 -5.03
CA TRP A 162 16.96 -2.60 -5.06
C TRP A 162 15.86 -1.81 -4.36
N GLN A 163 16.18 -1.28 -3.19
CA GLN A 163 15.15 -0.65 -2.36
C GLN A 163 14.69 0.68 -2.92
N GLN A 164 15.53 1.36 -3.70
CA GLN A 164 15.17 2.60 -4.33
C GLN A 164 14.53 2.43 -5.71
N THR A 165 14.27 1.19 -6.12
CA THR A 165 13.57 0.95 -7.38
C THR A 165 12.07 1.10 -7.14
N THR A 166 11.40 1.83 -8.03
CA THR A 166 9.96 1.96 -7.90
C THR A 166 9.31 0.58 -7.87
N GLY A 167 8.34 0.40 -6.99
CA GLY A 167 7.71 -0.89 -6.76
C GLY A 167 8.37 -1.77 -5.72
N SER A 168 9.51 -1.34 -5.17
CA SER A 168 10.23 -2.14 -4.20
C SER A 168 9.38 -2.36 -2.95
N ALA A 169 9.74 -3.40 -2.20
CA ALA A 169 9.08 -3.65 -0.92
C ALA A 169 9.26 -2.46 0.03
N LEU A 170 10.46 -1.86 0.03
CA LEU A 170 10.72 -0.74 0.93
C LEU A 170 9.84 0.46 0.59
N THR A 171 9.81 0.87 -0.69
CA THR A 171 8.99 2.03 -1.03
C THR A 171 7.51 1.73 -0.85
N THR A 172 7.09 0.49 -1.12
CA THR A 172 5.72 0.09 -0.85
C THR A 172 5.39 0.27 0.64
N ALA A 173 6.25 -0.24 1.50
CA ALA A 173 6.01 -0.18 2.93
C ALA A 173 5.94 1.27 3.41
N LEU A 174 6.84 2.13 2.92
CA LEU A 174 6.81 3.53 3.32
C LEU A 174 5.47 4.17 2.98
N ARG A 175 5.01 3.96 1.76
CA ARG A 175 3.74 4.54 1.33
C ARG A 175 2.57 3.98 2.14
N ASN A 176 2.53 2.66 2.33
CA ASN A 176 1.40 2.05 3.01
C ASN A 176 1.37 2.42 4.50
N ALA A 177 2.52 2.76 5.08
CA ALA A 177 2.57 3.15 6.48
C ALA A 177 2.24 4.62 6.70
N GLY A 178 2.04 5.39 5.64
CA GLY A 178 1.72 6.80 5.76
C GLY A 178 2.86 7.75 5.48
N GLY A 179 3.98 7.26 4.97
CA GLY A 179 5.20 8.03 4.85
C GLY A 179 5.31 8.98 3.69
N LEU A 180 4.33 9.05 2.79
CA LEU A 180 4.35 10.04 1.72
C LEU A 180 3.59 11.31 2.10
N THR A 181 3.22 11.46 3.36
CA THR A 181 2.78 12.72 3.93
C THR A 181 3.87 13.19 4.89
N GLN A 182 4.14 14.50 4.90
CA GLN A 182 5.22 14.97 5.76
C GLN A 182 4.88 14.69 7.22
N ILE A 183 5.94 14.51 8.01
CA ILE A 183 5.83 14.17 9.42
C ILE A 183 6.34 15.31 10.30
N VAL A 184 7.45 15.93 9.92
CA VAL A 184 7.90 17.21 10.47
C VAL A 184 7.81 18.20 9.31
N PRO A 185 7.93 19.51 9.57
CA PRO A 185 7.92 20.47 8.45
C PRO A 185 9.02 20.15 7.45
N THR A 186 8.62 19.94 6.20
CA THR A 186 9.55 19.46 5.19
C THR A 186 9.50 20.30 3.93
N THR A 187 10.68 20.56 3.38
CA THR A 187 10.84 21.18 2.08
C THR A 187 11.57 20.18 1.19
N ASN A 188 11.04 19.96 -0.01
CA ASN A 188 11.61 19.05 -0.99
C ASN A 188 11.96 19.87 -2.22
N LEU A 189 13.25 20.01 -2.50
CA LEU A 189 13.70 20.70 -3.70
C LEU A 189 14.14 19.66 -4.72
N TYR A 190 13.56 19.74 -5.92
CA TYR A 190 13.85 18.75 -6.94
C TYR A 190 13.70 19.35 -8.33
N SER A 191 14.03 18.53 -9.32
CA SER A 191 14.09 18.99 -10.70
C SER A 191 13.40 18.03 -11.64
N ALA A 192 12.58 18.57 -12.54
CA ALA A 192 11.94 17.75 -13.55
C ALA A 192 12.95 17.04 -14.44
N THR A 193 14.18 17.56 -14.55
CA THR A 193 15.18 16.97 -15.43
C THR A 193 16.11 16.01 -14.71
N ASP A 194 15.80 15.66 -13.46
CA ASP A 194 16.61 14.70 -12.71
C ASP A 194 16.84 13.46 -13.55
N GLU A 195 18.11 13.10 -13.73
CA GLU A 195 18.51 11.97 -14.56
C GLU A 195 18.66 10.67 -13.77
N ILE A 196 18.49 10.72 -12.46
CA ILE A 196 18.56 9.55 -11.59
C ILE A 196 17.19 9.15 -11.07
N VAL A 197 16.39 10.13 -10.65
CA VAL A 197 15.09 9.92 -10.03
C VAL A 197 14.02 10.41 -10.99
N GLN A 198 13.14 9.50 -11.40
CA GLN A 198 11.93 9.83 -12.13
C GLN A 198 10.82 8.92 -11.62
N PRO A 199 9.56 9.35 -11.74
CA PRO A 199 9.11 10.57 -12.39
C PRO A 199 9.16 11.79 -11.48
N GLN A 200 9.54 12.93 -12.07
CA GLN A 200 9.64 14.20 -11.34
C GLN A 200 9.05 15.35 -12.13
N VAL A 201 8.37 15.07 -13.25
CA VAL A 201 8.04 16.11 -14.21
C VAL A 201 6.72 16.83 -13.94
N SER A 202 5.78 16.20 -13.22
CA SER A 202 4.42 16.67 -13.19
C SER A 202 4.19 17.87 -12.26
N ASN A 203 5.13 18.16 -11.35
CA ASN A 203 4.90 19.19 -10.35
C ASN A 203 3.63 18.91 -9.56
N SER A 204 3.52 17.69 -9.06
CA SER A 204 2.31 17.17 -8.44
C SER A 204 2.64 15.98 -7.57
N PRO A 205 1.68 15.43 -6.85
CA PRO A 205 1.95 14.25 -5.99
C PRO A 205 2.47 13.03 -6.73
N LEU A 206 2.39 13.00 -8.07
CA LEU A 206 2.99 11.88 -8.79
C LEU A 206 4.50 11.86 -8.61
N ASP A 207 5.11 12.99 -8.29
CA ASP A 207 6.57 13.10 -8.31
C ASP A 207 7.19 12.34 -7.15
N SER A 208 8.33 11.71 -7.41
CA SER A 208 8.97 10.93 -6.36
C SER A 208 9.36 11.78 -5.15
N SER A 209 9.69 13.05 -5.36
CA SER A 209 10.12 13.91 -4.26
C SER A 209 8.97 14.55 -3.49
N TYR A 210 7.72 14.34 -3.89
CA TYR A 210 6.60 15.09 -3.32
C TYR A 210 6.10 14.45 -2.03
N LEU A 211 5.86 15.27 -1.01
CA LEU A 211 5.19 14.84 0.22
C LEU A 211 3.96 15.69 0.44
N PHE A 212 2.83 15.05 0.76
CA PHE A 212 1.63 15.83 1.06
C PHE A 212 1.88 16.73 2.27
N ASN A 213 1.39 17.96 2.18
CA ASN A 213 1.55 19.01 3.18
C ASN A 213 2.96 19.58 3.23
N GLY A 214 3.89 19.03 2.47
CA GLY A 214 5.21 19.59 2.39
C GLY A 214 5.29 20.82 1.51
N LYS A 215 6.43 21.48 1.57
CA LYS A 215 6.76 22.57 0.65
C LYS A 215 7.54 21.92 -0.48
N ASN A 216 6.84 21.61 -1.56
CA ASN A 216 7.37 20.83 -2.66
C ASN A 216 7.75 21.83 -3.75
N VAL A 217 9.06 21.97 -3.99
CA VAL A 217 9.61 23.01 -4.85
C VAL A 217 10.28 22.30 -6.02
N GLN A 218 9.54 22.12 -7.10
CA GLN A 218 10.13 21.69 -8.36
C GLN A 218 10.74 22.92 -9.04
N ALA A 219 12.04 22.85 -9.34
CA ALA A 219 12.76 24.05 -9.78
C ALA A 219 12.10 24.70 -10.99
N GLN A 220 11.60 23.88 -11.93
CA GLN A 220 11.03 24.42 -13.16
C GLN A 220 9.73 25.18 -12.91
N ALA A 221 9.02 24.84 -11.83
CA ALA A 221 7.81 25.59 -11.51
C ALA A 221 8.12 27.03 -11.13
N VAL A 222 9.33 27.31 -10.67
CA VAL A 222 9.76 28.68 -10.36
C VAL A 222 10.54 29.30 -11.50
N CYS A 223 11.43 28.52 -12.12
CA CYS A 223 12.43 29.03 -13.04
C CYS A 223 12.05 28.86 -14.50
N GLY A 224 11.02 28.08 -14.80
CA GLY A 224 10.56 27.90 -16.15
C GLY A 224 10.83 26.50 -16.65
N PRO A 225 10.05 26.07 -17.65
CA PRO A 225 10.12 24.66 -18.08
C PRO A 225 11.45 24.27 -18.68
N LEU A 226 12.26 25.22 -19.16
CA LEU A 226 13.53 24.91 -19.80
C LEU A 226 14.72 25.09 -18.88
N PHE A 227 14.49 25.36 -17.60
CA PHE A 227 15.58 25.40 -16.61
C PHE A 227 16.05 23.99 -16.32
N VAL A 228 17.37 23.80 -16.28
CA VAL A 228 17.95 22.47 -16.14
C VAL A 228 18.91 22.46 -14.95
N ILE A 229 18.63 21.59 -13.97
CA ILE A 229 19.61 21.13 -12.99
C ILE A 229 19.42 19.62 -12.83
N ASP A 230 20.52 18.90 -12.66
CA ASP A 230 20.45 17.43 -12.57
C ASP A 230 20.33 16.98 -11.12
N HIS A 231 20.55 15.69 -10.87
CA HIS A 231 20.38 15.13 -9.55
C HIS A 231 21.33 15.78 -8.55
N ALA A 232 22.59 15.94 -8.94
CA ALA A 232 23.56 16.61 -8.08
C ALA A 232 23.33 18.12 -8.01
N GLY A 233 22.98 18.73 -9.14
CA GLY A 233 22.68 20.16 -9.14
C GLY A 233 21.52 20.52 -8.24
N SER A 234 20.59 19.59 -8.04
CA SER A 234 19.51 19.81 -7.10
C SER A 234 20.04 20.10 -5.70
N LEU A 235 21.19 19.52 -5.35
CA LEU A 235 21.83 19.80 -4.07
C LEU A 235 22.71 21.04 -4.09
N THR A 236 23.43 21.30 -5.18
CA THR A 236 24.57 22.20 -5.17
C THR A 236 24.32 23.57 -5.79
N SER A 237 23.22 23.76 -6.51
CA SER A 237 23.05 24.99 -7.27
C SER A 237 22.78 26.18 -6.35
N GLN A 238 22.99 27.37 -6.90
CA GLN A 238 22.68 28.59 -6.18
C GLN A 238 21.18 28.69 -5.90
N PHE A 239 20.34 28.30 -6.86
CA PHE A 239 18.91 28.25 -6.60
C PHE A 239 18.61 27.38 -5.40
N SER A 240 19.23 26.18 -5.35
CA SER A 240 19.00 25.27 -4.24
C SER A 240 19.47 25.87 -2.93
N TYR A 241 20.57 26.63 -2.96
CA TYR A 241 21.04 27.27 -1.74
C TYR A 241 20.03 28.28 -1.22
N VAL A 242 19.46 29.08 -2.12
CA VAL A 242 18.49 30.09 -1.69
C VAL A 242 17.28 29.42 -1.04
N VAL A 243 16.78 28.34 -1.66
CA VAL A 243 15.63 27.64 -1.08
C VAL A 243 16.02 27.01 0.25
N GLY A 244 17.19 26.38 0.31
CA GLY A 244 17.62 25.76 1.55
C GLY A 244 17.83 26.75 2.67
N ARG A 245 18.47 27.88 2.36
CA ARG A 245 18.61 28.97 3.34
C ARG A 245 17.26 29.41 3.85
N SER A 246 16.28 29.55 2.97
CA SER A 246 14.94 29.95 3.39
C SER A 246 14.34 28.92 4.33
N ALA A 247 14.47 27.63 4.00
CA ALA A 247 13.90 26.59 4.84
C ALA A 247 14.55 26.58 6.22
N LEU A 248 15.87 26.77 6.27
CA LEU A 248 16.56 26.71 7.55
C LEU A 248 16.22 27.90 8.43
N ARG A 249 15.97 29.07 7.83
CA ARG A 249 15.68 30.27 8.59
C ARG A 249 14.21 30.42 8.94
N SER A 250 13.32 29.72 8.24
CA SER A 250 11.90 30.00 8.36
C SER A 250 11.36 29.57 9.72
N THR A 251 10.50 30.42 10.29
CA THR A 251 9.85 30.08 11.54
C THR A 251 8.74 29.04 11.38
N THR A 252 8.31 28.76 10.14
CA THR A 252 7.36 27.69 9.90
C THR A 252 8.03 26.34 9.71
N GLY A 253 9.36 26.30 9.59
CA GLY A 253 10.05 25.07 9.31
C GLY A 253 10.11 24.68 7.84
N GLN A 254 9.48 25.45 6.95
CA GLN A 254 9.51 25.19 5.52
C GLN A 254 9.99 26.42 4.80
N ALA A 255 10.59 26.23 3.63
CA ALA A 255 10.93 27.37 2.78
C ALA A 255 9.68 28.17 2.44
N ARG A 256 9.86 29.47 2.21
CA ARG A 256 8.77 30.39 1.94
C ARG A 256 8.95 30.99 0.55
N SER A 257 7.87 30.95 -0.25
CA SER A 257 7.92 31.46 -1.62
C SER A 257 8.40 32.90 -1.70
N ALA A 258 8.12 33.70 -0.65
CA ALA A 258 8.56 35.08 -0.62
C ALA A 258 10.07 35.22 -0.70
N ASP A 259 10.82 34.18 -0.31
CA ASP A 259 12.26 34.26 -0.14
C ASP A 259 13.04 33.88 -1.39
N TYR A 260 12.36 33.56 -2.48
CA TYR A 260 13.08 33.18 -3.70
C TYR A 260 12.18 33.47 -4.90
N GLY A 261 12.83 33.59 -6.05
CA GLY A 261 12.10 33.91 -7.27
C GLY A 261 12.97 33.75 -8.49
N ILE A 262 12.49 34.30 -9.60
CA ILE A 262 13.13 34.08 -10.89
C ILE A 262 14.57 34.54 -10.89
N THR A 263 14.90 35.58 -10.12
CA THR A 263 16.28 36.09 -10.13
C THR A 263 17.24 35.17 -9.38
N ASP A 264 16.74 34.17 -8.67
CA ASP A 264 17.59 33.20 -7.99
C ASP A 264 17.85 31.97 -8.84
N CYS A 265 17.36 31.94 -10.08
CA CYS A 265 17.43 30.74 -10.92
C CYS A 265 18.79 30.67 -11.60
N ASN A 266 19.80 30.42 -10.77
CA ASN A 266 21.17 30.19 -11.22
C ASN A 266 21.46 28.71 -11.03
N PRO A 267 21.66 27.94 -12.11
CA PRO A 267 21.87 26.49 -11.96
C PRO A 267 23.28 26.11 -11.59
N LEU A 268 24.23 27.04 -11.57
CA LEU A 268 25.62 26.69 -11.29
C LEU A 268 25.83 26.59 -9.78
N PRO A 269 26.96 26.02 -9.37
CA PRO A 269 27.21 25.85 -7.93
C PRO A 269 27.10 27.16 -7.17
N ALA A 270 26.60 27.04 -5.94
CA ALA A 270 26.28 28.19 -5.10
C ALA A 270 27.43 29.20 -5.04
N ASN A 271 27.05 30.48 -5.16
CA ASN A 271 28.02 31.57 -5.30
C ASN A 271 29.07 31.57 -4.21
N ASP A 272 28.68 31.30 -2.97
CA ASP A 272 29.59 31.44 -1.84
C ASP A 272 30.62 30.33 -1.74
N LEU A 273 30.50 29.28 -2.54
CA LEU A 273 31.53 28.25 -2.55
C LEU A 273 32.83 28.77 -3.17
N THR A 274 33.94 28.30 -2.64
CA THR A 274 35.23 28.64 -3.22
C THR A 274 35.33 28.03 -4.61
N PRO A 275 36.26 28.51 -5.44
CA PRO A 275 36.45 27.87 -6.75
C PRO A 275 36.67 26.37 -6.64
N GLU A 276 37.47 25.94 -5.67
CA GLU A 276 37.73 24.52 -5.52
C GLU A 276 36.46 23.76 -5.15
N GLN A 277 35.63 24.34 -4.28
CA GLN A 277 34.37 23.70 -3.93
C GLN A 277 33.41 23.66 -5.12
N LYS A 278 33.36 24.73 -5.92
CA LYS A 278 32.48 24.73 -7.08
C LYS A 278 32.86 23.61 -8.06
N VAL A 279 34.17 23.42 -8.28
CA VAL A 279 34.64 22.36 -9.16
C VAL A 279 34.24 21.00 -8.61
N ALA A 280 34.46 20.79 -7.30
CA ALA A 280 34.10 19.51 -6.70
C ALA A 280 32.59 19.30 -6.69
N ALA A 281 31.82 20.37 -6.49
CA ALA A 281 30.38 20.27 -6.53
C ALA A 281 29.88 19.81 -7.90
N ALA A 282 30.46 20.36 -8.97
CA ALA A 282 30.03 19.96 -10.30
C ALA A 282 30.33 18.48 -10.57
N ALA A 283 31.37 17.95 -9.93
CA ALA A 283 31.79 16.56 -10.08
C ALA A 283 31.25 15.66 -8.98
N LEU A 284 30.16 16.05 -8.34
CA LEU A 284 29.67 15.35 -7.16
C LEU A 284 29.35 13.89 -7.44
N LEU A 285 28.78 13.60 -8.62
CA LEU A 285 28.19 12.29 -8.85
C LEU A 285 29.22 11.22 -9.21
N ALA A 286 30.34 11.60 -9.81
CA ALA A 286 31.25 10.59 -10.36
C ALA A 286 31.70 9.57 -9.32
N PRO A 287 32.18 9.96 -8.14
CA PRO A 287 32.58 8.94 -7.16
C PRO A 287 31.44 8.01 -6.77
N ALA A 288 30.21 8.52 -6.75
CA ALA A 288 29.07 7.71 -6.33
C ALA A 288 28.77 6.62 -7.33
N ALA A 289 28.74 6.97 -8.61
CA ALA A 289 28.51 5.95 -9.63
C ALA A 289 29.59 4.87 -9.57
N ALA A 290 30.85 5.27 -9.34
CA ALA A 290 31.92 4.29 -9.28
C ALA A 290 31.79 3.38 -8.07
N ALA A 291 31.40 3.93 -6.92
CA ALA A 291 31.29 3.12 -5.71
C ALA A 291 30.18 2.10 -5.86
N ILE A 292 29.07 2.49 -6.48
CA ILE A 292 28.00 1.54 -6.76
C ILE A 292 28.54 0.36 -7.56
N VAL A 293 29.45 0.63 -8.49
CA VAL A 293 29.97 -0.46 -9.32
C VAL A 293 30.87 -1.40 -8.53
N ALA A 294 31.59 -0.88 -7.53
CA ALA A 294 32.57 -1.69 -6.79
C ALA A 294 32.05 -2.24 -5.48
N GLY A 295 30.80 -1.98 -5.12
CA GLY A 295 30.31 -2.32 -3.81
C GLY A 295 29.56 -3.64 -3.75
N PRO A 296 28.86 -3.86 -2.63
CA PRO A 296 28.06 -5.08 -2.47
C PRO A 296 26.95 -5.13 -3.50
N LYS A 297 26.64 -6.36 -3.95
CA LYS A 297 25.56 -6.56 -4.92
C LYS A 297 24.91 -7.91 -4.69
N GLN A 298 23.62 -7.97 -5.00
CA GLN A 298 22.83 -9.17 -4.80
C GLN A 298 21.70 -9.18 -5.83
N ASN A 299 21.05 -10.34 -5.93
CA ASN A 299 20.00 -10.56 -6.93
C ASN A 299 18.59 -10.44 -6.36
N CYS A 300 18.44 -9.82 -5.20
CA CYS A 300 17.14 -9.74 -4.54
C CYS A 300 17.13 -8.53 -3.62
N GLU A 301 15.93 -8.05 -3.34
CA GLU A 301 15.79 -6.93 -2.42
C GLU A 301 15.95 -7.41 -0.98
N PRO A 302 16.72 -6.70 -0.15
CA PRO A 302 16.84 -7.09 1.25
C PRO A 302 15.49 -7.27 1.93
N ASP A 303 15.42 -8.23 2.84
CA ASP A 303 14.22 -8.45 3.62
C ASP A 303 13.87 -7.19 4.40
N LEU A 304 12.58 -6.94 4.52
CA LEU A 304 12.13 -5.89 5.42
C LEU A 304 12.31 -6.34 6.85
N MET A 305 12.72 -5.43 7.72
N MET A 305 12.71 -5.42 7.71
CA MET A 305 12.75 -5.72 9.13
CA MET A 305 12.76 -5.71 9.13
C MET A 305 11.33 -5.93 9.63
C MET A 305 11.34 -5.88 9.67
N PRO A 306 11.16 -6.65 10.74
CA PRO A 306 9.80 -6.97 11.20
C PRO A 306 8.88 -5.76 11.35
N TYR A 307 9.41 -4.61 11.76
CA TYR A 307 8.52 -3.45 11.96
C TYR A 307 7.86 -2.98 10.67
N ALA A 308 8.48 -3.25 9.52
CA ALA A 308 7.96 -2.77 8.24
C ALA A 308 7.18 -3.82 7.46
N ARG A 309 7.33 -5.10 7.83
CA ARG A 309 6.72 -6.15 7.02
C ARG A 309 5.20 -6.03 6.86
N PRO A 310 4.43 -5.62 7.87
CA PRO A 310 2.97 -5.56 7.68
C PRO A 310 2.54 -4.63 6.57
N PHE A 311 3.41 -3.72 6.13
CA PHE A 311 3.05 -2.70 5.16
C PHE A 311 3.44 -3.06 3.74
N ALA A 312 3.96 -4.28 3.52
CA ALA A 312 4.33 -4.72 2.18
C ALA A 312 4.10 -6.21 2.03
N VAL A 313 3.09 -6.74 2.72
CA VAL A 313 2.75 -8.15 2.57
C VAL A 313 2.51 -8.42 1.10
N GLY A 314 3.06 -9.53 0.61
CA GLY A 314 2.87 -9.92 -0.77
C GLY A 314 3.95 -9.48 -1.71
N LYS A 315 4.88 -8.64 -1.27
CA LYS A 315 6.05 -8.32 -2.06
C LYS A 315 7.10 -9.40 -1.86
N ARG A 316 8.08 -9.42 -2.77
CA ARG A 316 9.11 -10.44 -2.75
C ARG A 316 10.45 -9.83 -2.36
N THR A 317 11.10 -10.42 -1.36
CA THR A 317 12.44 -10.06 -0.95
C THR A 317 13.29 -11.33 -0.92
N CYS A 318 14.53 -11.21 -0.47
CA CYS A 318 15.48 -12.31 -0.59
C CYS A 318 14.96 -13.61 0.03
N SER A 319 14.30 -13.55 1.18
CA SER A 319 13.85 -14.76 1.86
C SER A 319 12.56 -15.32 1.26
N GLY A 320 11.89 -14.58 0.39
CA GLY A 320 10.62 -14.99 -0.16
C GLY A 320 9.54 -13.95 -0.03
N ILE A 321 8.28 -14.37 0.04
CA ILE A 321 7.15 -13.45 0.06
C ILE A 321 6.99 -12.86 1.46
N VAL A 322 6.79 -11.54 1.52
CA VAL A 322 6.62 -10.86 2.80
C VAL A 322 5.29 -11.26 3.42
N THR A 323 5.32 -11.65 4.69
CA THR A 323 4.13 -11.93 5.49
C THR A 323 4.22 -11.15 6.77
N PRO A 324 3.06 -10.85 7.40
CA PRO A 324 3.08 -9.97 8.59
C PRO A 324 3.61 -10.66 9.85
N LEU B 8 -7.67 -2.94 12.88
CA LEU B 8 -8.86 -2.67 12.08
C LEU B 8 -9.59 -1.41 12.54
N PRO B 9 -10.37 -0.79 11.65
CA PRO B 9 -11.25 0.30 12.08
C PRO B 9 -12.14 -0.13 13.24
N SER B 10 -12.37 0.80 14.16
CA SER B 10 -13.22 0.56 15.33
C SER B 10 -14.23 1.69 15.46
N GLY B 11 -15.06 1.61 16.48
CA GLY B 11 -16.04 2.64 16.71
C GLY B 11 -17.31 2.43 15.90
N SER B 12 -18.03 3.53 15.71
CA SER B 12 -19.35 3.49 15.11
C SER B 12 -19.26 3.15 13.62
N ASP B 13 -20.32 2.51 13.12
CA ASP B 13 -20.38 2.23 11.69
C ASP B 13 -20.49 3.54 10.92
N PRO B 14 -19.87 3.62 9.74
CA PRO B 14 -20.14 4.76 8.85
C PRO B 14 -21.62 4.82 8.48
N ALA B 15 -22.07 6.02 8.15
CA ALA B 15 -23.43 6.20 7.68
C ALA B 15 -23.58 5.59 6.29
N PHE B 16 -24.78 5.08 6.03
CA PHE B 16 -25.13 4.62 4.69
C PHE B 16 -25.45 5.80 3.80
N SER B 17 -25.11 5.67 2.52
CA SER B 17 -25.49 6.67 1.51
C SER B 17 -26.89 6.42 0.94
N GLN B 18 -27.42 5.21 1.09
CA GLN B 18 -28.75 4.88 0.61
C GLN B 18 -29.72 4.73 1.78
N PRO B 19 -30.99 5.07 1.58
CA PRO B 19 -31.96 4.89 2.67
C PRO B 19 -32.21 3.42 2.98
N LYS B 20 -32.64 3.17 4.21
N LYS B 20 -32.65 3.18 4.22
CA LYS B 20 -32.89 1.80 4.64
CA LYS B 20 -32.90 1.81 4.66
C LYS B 20 -33.88 1.11 3.72
C LYS B 20 -33.88 1.11 3.74
N SER B 21 -34.94 1.81 3.31
CA SER B 21 -35.94 1.21 2.44
C SER B 21 -35.33 0.71 1.14
N VAL B 22 -34.37 1.46 0.59
CA VAL B 22 -33.69 1.04 -0.63
C VAL B 22 -32.85 -0.21 -0.36
N LEU B 23 -32.10 -0.20 0.74
CA LEU B 23 -31.27 -1.36 1.05
C LEU B 23 -32.11 -2.59 1.33
N ASP B 24 -33.23 -2.43 2.05
CA ASP B 24 -34.10 -3.57 2.34
C ASP B 24 -34.67 -4.16 1.04
N ALA B 25 -34.98 -3.30 0.06
CA ALA B 25 -35.56 -3.77 -1.19
C ALA B 25 -34.60 -4.68 -1.96
N GLY B 26 -33.30 -4.58 -1.69
CA GLY B 26 -32.32 -5.43 -2.34
C GLY B 26 -32.13 -6.79 -1.72
N LEU B 27 -32.82 -7.08 -0.63
CA LEU B 27 -32.63 -8.32 0.13
C LEU B 27 -33.88 -9.19 0.00
N THR B 28 -33.67 -10.46 -0.32
CA THR B 28 -34.76 -11.44 -0.42
C THR B 28 -34.31 -12.76 0.20
N CYS B 29 -35.26 -13.47 0.81
CA CYS B 29 -35.02 -14.81 1.28
C CYS B 29 -35.99 -15.77 0.62
N GLN B 30 -35.56 -17.01 0.44
CA GLN B 30 -36.40 -18.04 -0.17
C GLN B 30 -37.49 -18.43 0.82
N GLY B 31 -38.75 -18.14 0.46
CA GLY B 31 -39.88 -18.59 1.22
C GLY B 31 -40.01 -17.99 2.60
N ALA B 32 -39.34 -16.86 2.85
CA ALA B 32 -39.39 -16.22 4.15
C ALA B 32 -39.11 -14.74 4.00
N SER B 33 -39.58 -13.98 4.95
CA SER B 33 -39.18 -12.60 5.04
C SER B 33 -37.92 -12.49 5.92
N PRO B 34 -37.02 -11.54 5.62
CA PRO B 34 -35.81 -11.42 6.44
C PRO B 34 -36.09 -11.14 7.91
N SER B 35 -37.26 -10.59 8.24
CA SER B 35 -37.61 -10.27 9.61
C SER B 35 -38.02 -11.48 10.43
N SER B 36 -38.27 -12.63 9.80
CA SER B 36 -38.61 -13.86 10.53
C SER B 36 -38.12 -15.04 9.68
N VAL B 37 -36.90 -15.48 9.95
CA VAL B 37 -36.23 -16.47 9.12
C VAL B 37 -35.40 -17.38 10.03
N SER B 38 -35.47 -18.68 9.75
CA SER B 38 -34.70 -19.68 10.48
C SER B 38 -33.44 -20.02 9.70
N LYS B 39 -32.32 -20.04 10.40
CA LYS B 39 -31.04 -20.45 9.83
C LYS B 39 -30.77 -19.76 8.50
N PRO B 40 -30.86 -18.44 8.45
CA PRO B 40 -30.51 -17.74 7.20
C PRO B 40 -29.05 -17.94 6.86
N ILE B 41 -28.79 -17.96 5.56
CA ILE B 41 -27.44 -17.82 5.03
C ILE B 41 -27.50 -16.71 4.00
N LEU B 42 -26.60 -15.74 4.11
CA LEU B 42 -26.59 -14.60 3.18
C LEU B 42 -25.64 -14.88 2.03
N LEU B 43 -26.16 -14.86 0.81
CA LEU B 43 -25.40 -15.10 -0.41
C LEU B 43 -25.16 -13.76 -1.10
N VAL B 44 -23.91 -13.47 -1.41
CA VAL B 44 -23.50 -12.20 -2.02
C VAL B 44 -22.99 -12.49 -3.43
N PRO B 45 -23.59 -11.92 -4.47
CA PRO B 45 -23.32 -12.37 -5.84
C PRO B 45 -22.10 -11.71 -6.46
N GLY B 46 -21.80 -12.17 -7.67
CA GLY B 46 -20.67 -11.68 -8.43
C GLY B 46 -21.02 -10.51 -9.34
N THR B 47 -19.96 -9.90 -9.86
CA THR B 47 -20.10 -8.77 -10.78
C THR B 47 -20.99 -9.14 -11.96
N GLY B 48 -21.89 -8.23 -12.32
CA GLY B 48 -22.73 -8.41 -13.47
C GLY B 48 -23.90 -9.34 -13.27
N THR B 49 -24.24 -9.67 -12.02
CA THR B 49 -25.34 -10.59 -11.75
C THR B 49 -26.16 -10.08 -10.57
N THR B 50 -27.37 -10.61 -10.49
CA THR B 50 -28.21 -10.56 -9.30
C THR B 50 -27.94 -11.78 -8.43
N GLY B 51 -28.50 -11.76 -7.23
CA GLY B 51 -28.44 -12.93 -6.38
C GLY B 51 -28.95 -14.18 -7.06
N PRO B 52 -30.15 -14.13 -7.63
CA PRO B 52 -30.66 -15.32 -8.34
C PRO B 52 -29.76 -15.79 -9.47
N GLN B 53 -29.23 -14.86 -10.28
CA GLN B 53 -28.37 -15.29 -11.37
C GLN B 53 -27.09 -15.95 -10.86
N SER B 54 -26.56 -15.49 -9.72
CA SER B 54 -25.35 -16.09 -9.19
C SER B 54 -25.61 -17.46 -8.58
N PHE B 55 -26.78 -17.65 -7.94
CA PHE B 55 -26.97 -18.76 -7.01
C PHE B 55 -28.17 -19.67 -7.27
N ASP B 56 -29.08 -19.34 -8.18
CA ASP B 56 -30.23 -20.21 -8.42
C ASP B 56 -29.79 -21.63 -8.78
N SER B 57 -28.72 -21.74 -9.55
CA SER B 57 -28.26 -23.03 -10.06
C SER B 57 -27.29 -23.73 -9.13
N ASN B 58 -27.03 -23.18 -7.94
CA ASN B 58 -26.01 -23.77 -7.09
C ASN B 58 -26.35 -23.61 -5.60
N TRP B 59 -25.88 -22.56 -4.96
CA TRP B 59 -25.95 -22.51 -3.50
C TRP B 59 -27.32 -22.18 -2.94
N ILE B 60 -28.27 -21.72 -3.75
CA ILE B 60 -29.65 -21.60 -3.26
C ILE B 60 -30.18 -23.00 -2.96
N PRO B 61 -30.24 -23.92 -3.94
CA PRO B 61 -30.68 -25.28 -3.59
C PRO B 61 -29.73 -26.03 -2.68
N LEU B 62 -28.42 -25.86 -2.84
CA LEU B 62 -27.50 -26.63 -2.01
C LEU B 62 -27.57 -26.21 -0.54
N SER B 63 -27.67 -24.92 -0.27
CA SER B 63 -27.81 -24.50 1.13
C SER B 63 -29.15 -24.94 1.70
N THR B 64 -30.20 -24.96 0.87
CA THR B 64 -31.49 -25.46 1.34
C THR B 64 -31.36 -26.90 1.81
N GLN B 65 -30.70 -27.74 1.04
CA GLN B 65 -30.56 -29.15 1.41
C GLN B 65 -29.65 -29.34 2.62
N LEU B 66 -28.79 -28.37 2.91
CA LEU B 66 -27.94 -28.41 4.09
C LEU B 66 -28.64 -27.84 5.32
N GLY B 67 -29.88 -27.38 5.19
CA GLY B 67 -30.64 -26.94 6.33
C GLY B 67 -30.61 -25.46 6.60
N TYR B 68 -30.42 -24.63 5.59
CA TYR B 68 -30.45 -23.19 5.74
C TYR B 68 -31.61 -22.61 4.94
N THR B 69 -32.01 -21.39 5.32
CA THR B 69 -32.86 -20.59 4.45
C THR B 69 -31.95 -19.69 3.63
N PRO B 70 -31.80 -19.90 2.32
CA PRO B 70 -30.96 -19.00 1.53
C PRO B 70 -31.61 -17.63 1.38
N CYS B 71 -30.80 -16.60 1.61
CA CYS B 71 -31.17 -15.22 1.34
C CYS B 71 -30.06 -14.60 0.51
N TRP B 72 -30.38 -13.54 -0.22
CA TRP B 72 -29.40 -12.93 -1.11
C TRP B 72 -29.68 -11.44 -1.25
N ILE B 73 -28.64 -10.69 -1.61
CA ILE B 73 -28.78 -9.31 -2.02
C ILE B 73 -28.56 -9.22 -3.53
N SER B 74 -29.21 -8.23 -4.15
CA SER B 74 -29.06 -7.95 -5.57
C SER B 74 -28.87 -6.44 -5.75
N PRO B 75 -27.71 -5.91 -5.38
CA PRO B 75 -27.49 -4.48 -5.53
C PRO B 75 -27.54 -4.08 -6.99
N PRO B 76 -28.27 -3.02 -7.32
CA PRO B 76 -28.41 -2.62 -8.73
C PRO B 76 -27.28 -1.71 -9.16
N PRO B 77 -26.96 -1.66 -10.47
CA PRO B 77 -27.43 -2.56 -11.52
C PRO B 77 -26.46 -3.73 -11.59
N PHE B 78 -26.90 -4.93 -11.20
CA PHE B 78 -26.14 -6.14 -11.41
C PHE B 78 -24.72 -6.05 -10.84
N MET B 79 -24.59 -5.51 -9.64
CA MET B 79 -23.30 -5.44 -8.93
C MET B 79 -22.26 -4.61 -9.69
N LEU B 80 -22.70 -3.74 -10.61
CA LEU B 80 -21.78 -2.93 -11.39
C LEU B 80 -21.52 -1.56 -10.78
N ASN B 81 -22.36 -1.12 -9.85
CA ASN B 81 -22.11 0.13 -9.15
C ASN B 81 -20.99 -0.03 -8.14
N ASP B 82 -20.50 1.10 -7.65
CA ASP B 82 -19.58 1.25 -6.53
C ASP B 82 -19.68 0.10 -5.54
N THR B 83 -18.57 -0.64 -5.41
CA THR B 83 -18.49 -1.72 -4.44
C THR B 83 -18.82 -1.27 -3.04
N GLN B 84 -18.55 0.00 -2.71
CA GLN B 84 -18.88 0.51 -1.39
C GLN B 84 -20.39 0.59 -1.19
N VAL B 85 -21.14 0.89 -2.25
CA VAL B 85 -22.60 0.88 -2.17
C VAL B 85 -23.11 -0.54 -2.08
N ASN B 86 -22.53 -1.44 -2.89
CA ASN B 86 -22.92 -2.85 -2.81
C ASN B 86 -22.74 -3.38 -1.39
N THR B 87 -21.70 -2.89 -0.70
CA THR B 87 -21.46 -3.34 0.66
C THR B 87 -22.53 -2.83 1.62
N GLU B 88 -23.09 -1.64 1.39
CA GLU B 88 -24.18 -1.18 2.24
C GLU B 88 -25.33 -2.18 2.22
N TYR B 89 -25.64 -2.73 1.04
CA TYR B 89 -26.68 -3.75 0.95
C TYR B 89 -26.35 -4.94 1.83
N MET B 90 -25.08 -5.33 1.86
CA MET B 90 -24.69 -6.51 2.64
C MET B 90 -24.75 -6.22 4.13
N VAL B 91 -24.20 -5.08 4.56
CA VAL B 91 -24.21 -4.73 5.98
C VAL B 91 -25.63 -4.64 6.49
N ASN B 92 -26.49 -3.91 5.76
CA ASN B 92 -27.89 -3.82 6.15
C ASN B 92 -28.53 -5.20 6.23
N ALA B 93 -28.20 -6.09 5.29
CA ALA B 93 -28.81 -7.43 5.29
C ALA B 93 -28.35 -8.26 6.48
N ILE B 94 -27.07 -8.17 6.84
CA ILE B 94 -26.60 -8.89 8.02
C ILE B 94 -27.33 -8.40 9.27
N THR B 95 -27.43 -7.07 9.41
CA THR B 95 -28.17 -6.52 10.55
C THR B 95 -29.59 -7.05 10.58
N ALA B 96 -30.25 -7.08 9.42
CA ALA B 96 -31.64 -7.51 9.37
C ALA B 96 -31.78 -9.00 9.64
N LEU B 97 -30.91 -9.82 9.06
CA LEU B 97 -31.04 -11.27 9.22
C LEU B 97 -30.61 -11.73 10.61
N TYR B 98 -29.67 -11.02 11.24
CA TYR B 98 -29.31 -11.32 12.62
C TYR B 98 -30.52 -11.14 13.54
N ALA B 99 -31.21 -10.00 13.41
CA ALA B 99 -32.40 -9.76 14.21
C ALA B 99 -33.52 -10.72 13.83
N GLY B 100 -33.71 -10.96 12.53
CA GLY B 100 -34.82 -11.78 12.06
C GLY B 100 -34.68 -13.25 12.35
N SER B 101 -33.49 -13.70 12.73
CA SER B 101 -33.28 -15.08 13.14
C SER B 101 -33.16 -15.21 14.66
N GLY B 102 -33.66 -14.23 15.41
CA GLY B 102 -33.62 -14.30 16.85
C GLY B 102 -32.33 -13.82 17.48
N ASN B 103 -31.67 -12.85 16.85
CA ASN B 103 -30.38 -12.35 17.31
C ASN B 103 -29.34 -13.46 17.34
N ASN B 104 -29.18 -14.10 16.18
CA ASN B 104 -28.27 -15.22 16.02
C ASN B 104 -27.34 -14.94 14.85
N LYS B 105 -26.06 -15.25 15.06
CA LYS B 105 -25.08 -15.11 14.00
C LYS B 105 -25.49 -15.94 12.79
N LEU B 106 -25.04 -15.52 11.61
CA LEU B 106 -25.37 -16.25 10.39
C LEU B 106 -24.13 -16.34 9.50
N PRO B 107 -24.06 -17.38 8.67
CA PRO B 107 -22.96 -17.48 7.71
C PRO B 107 -23.21 -16.64 6.48
N VAL B 108 -22.11 -16.22 5.84
CA VAL B 108 -22.13 -15.47 4.59
C VAL B 108 -21.33 -16.29 3.57
N LEU B 109 -21.89 -16.47 2.38
CA LEU B 109 -21.27 -17.26 1.32
C LEU B 109 -21.31 -16.43 0.05
N THR B 110 -20.19 -16.37 -0.65
CA THR B 110 -20.03 -15.36 -1.69
C THR B 110 -19.35 -15.94 -2.93
N TRP B 111 -19.53 -15.23 -4.04
CA TRP B 111 -18.82 -15.52 -5.28
C TRP B 111 -18.17 -14.23 -5.78
N SER B 112 -16.90 -14.34 -6.15
CA SER B 112 -16.20 -13.28 -6.88
C SER B 112 -16.27 -11.98 -6.07
N GLN B 113 -16.72 -10.87 -6.68
CA GLN B 113 -16.79 -9.59 -5.98
C GLN B 113 -17.51 -9.69 -4.65
N GLY B 114 -18.45 -10.63 -4.53
CA GLY B 114 -19.20 -10.73 -3.29
C GLY B 114 -18.31 -10.96 -2.08
N GLY B 115 -17.19 -11.64 -2.27
CA GLY B 115 -16.26 -11.83 -1.16
C GLY B 115 -15.49 -10.56 -0.81
N LEU B 116 -15.11 -9.79 -1.84
CA LEU B 116 -14.54 -8.48 -1.62
C LEU B 116 -15.51 -7.60 -0.84
N VAL B 117 -16.78 -7.63 -1.23
CA VAL B 117 -17.83 -6.88 -0.52
C VAL B 117 -17.91 -7.32 0.93
N ALA B 118 -17.90 -8.63 1.17
CA ALA B 118 -18.02 -9.13 2.53
C ALA B 118 -16.87 -8.65 3.40
N GLN B 119 -15.64 -8.78 2.89
CA GLN B 119 -14.47 -8.38 3.65
C GLN B 119 -14.41 -6.86 3.80
N TRP B 120 -14.87 -6.10 2.79
CA TRP B 120 -14.96 -4.65 2.93
C TRP B 120 -15.92 -4.28 4.06
N GLY B 121 -17.08 -4.94 4.11
CA GLY B 121 -18.03 -4.66 5.18
C GLY B 121 -17.49 -4.99 6.55
N LEU B 122 -16.84 -6.16 6.69
CA LEU B 122 -16.26 -6.54 7.98
C LEU B 122 -15.14 -5.61 8.39
N THR B 123 -14.42 -5.05 7.42
CA THR B 123 -13.32 -4.15 7.74
C THR B 123 -13.85 -2.82 8.25
N PHE B 124 -14.86 -2.25 7.58
CA PHE B 124 -15.23 -0.86 7.80
C PHE B 124 -16.53 -0.66 8.59
N PHE B 125 -17.29 -1.72 8.86
CA PHE B 125 -18.56 -1.65 9.59
C PHE B 125 -18.43 -2.57 10.80
N PRO B 126 -17.83 -2.10 11.89
CA PRO B 126 -17.55 -3.01 13.02
C PRO B 126 -18.76 -3.71 13.60
N SER B 127 -19.97 -3.16 13.45
CA SER B 127 -21.13 -3.72 14.12
C SER B 127 -21.47 -5.12 13.64
N ILE B 128 -21.05 -5.50 12.42
CA ILE B 128 -21.44 -6.81 11.89
C ILE B 128 -20.45 -7.92 12.24
N ARG B 129 -19.29 -7.59 12.82
CA ARG B 129 -18.33 -8.63 13.15
C ARG B 129 -18.90 -9.63 14.14
N SER B 130 -19.77 -9.19 15.05
CA SER B 130 -20.40 -10.06 16.03
C SER B 130 -21.64 -10.75 15.48
N LYS B 131 -21.99 -10.50 14.21
CA LYS B 131 -23.20 -11.03 13.62
C LYS B 131 -22.93 -12.01 12.49
N VAL B 132 -21.71 -12.03 11.96
CA VAL B 132 -21.32 -12.98 10.92
C VAL B 132 -20.59 -14.12 11.61
N ASP B 133 -21.17 -15.31 11.51
CA ASP B 133 -20.61 -16.50 12.12
C ASP B 133 -19.34 -16.96 11.43
N ARG B 134 -19.31 -16.86 10.10
CA ARG B 134 -18.23 -17.34 9.27
C ARG B 134 -18.45 -16.81 7.86
N LEU B 135 -17.38 -16.80 7.06
CA LEU B 135 -17.40 -16.38 5.67
C LEU B 135 -16.86 -17.52 4.81
N MET B 136 -17.63 -17.92 3.80
CA MET B 136 -17.21 -18.95 2.84
C MET B 136 -17.20 -18.26 1.48
N ALA B 137 -16.01 -17.89 1.00
CA ALA B 137 -15.86 -17.11 -0.21
C ALA B 137 -15.31 -17.97 -1.33
N PHE B 138 -16.01 -17.99 -2.47
CA PHE B 138 -15.57 -18.71 -3.65
C PHE B 138 -15.01 -17.71 -4.64
N ALA B 139 -13.75 -17.91 -5.04
CA ALA B 139 -13.05 -17.04 -5.98
C ALA B 139 -13.08 -15.55 -5.59
N PRO B 140 -12.81 -15.22 -4.34
CA PRO B 140 -12.82 -13.80 -3.96
C PRO B 140 -11.60 -13.09 -4.52
N ASP B 141 -11.78 -11.81 -4.87
CA ASP B 141 -10.69 -11.02 -5.44
C ASP B 141 -10.30 -9.88 -4.51
N TYR B 142 -9.74 -10.24 -3.34
CA TYR B 142 -9.37 -9.24 -2.36
C TYR B 142 -8.28 -8.31 -2.86
N LYS B 143 -7.43 -8.80 -3.77
CA LYS B 143 -6.40 -7.99 -4.41
C LYS B 143 -6.83 -7.49 -5.78
N GLY B 144 -8.09 -7.70 -6.15
CA GLY B 144 -8.53 -7.44 -7.49
C GLY B 144 -7.96 -8.47 -8.46
N THR B 145 -7.90 -8.06 -9.72
CA THR B 145 -7.32 -8.91 -10.75
C THR B 145 -6.39 -8.11 -11.64
N VAL B 146 -5.27 -8.74 -12.01
CA VAL B 146 -4.34 -8.13 -12.95
C VAL B 146 -4.75 -8.35 -14.40
N LEU B 147 -5.75 -9.22 -14.64
CA LEU B 147 -6.18 -9.50 -16.01
C LEU B 147 -6.97 -8.35 -16.61
N ALA B 148 -7.40 -7.39 -15.79
CA ALA B 148 -7.97 -6.15 -16.31
C ALA B 148 -6.93 -5.29 -16.98
N GLY B 149 -5.63 -5.58 -16.78
CA GLY B 149 -4.57 -4.72 -17.25
C GLY B 149 -4.30 -3.60 -16.26
N PRO B 150 -3.34 -2.74 -16.55
CA PRO B 150 -3.05 -1.62 -15.66
C PRO B 150 -4.19 -0.61 -15.66
N LEU B 151 -4.36 0.05 -14.51
CA LEU B 151 -5.40 1.07 -14.39
C LEU B 151 -5.26 2.14 -15.48
N ASP B 152 -4.01 2.48 -15.84
CA ASP B 152 -3.77 3.57 -16.77
C ASP B 152 -4.22 3.25 -18.19
N ALA B 153 -4.45 1.98 -18.51
CA ALA B 153 -4.84 1.56 -19.84
C ALA B 153 -6.27 1.04 -19.89
N LEU B 154 -6.96 1.02 -18.77
CA LEU B 154 -8.28 0.39 -18.71
C LEU B 154 -9.26 1.12 -19.61
N ALA B 155 -9.95 0.36 -20.44
CA ALA B 155 -11.06 0.92 -21.21
C ALA B 155 -12.16 1.37 -20.26
N VAL B 156 -13.08 2.19 -20.78
CA VAL B 156 -14.22 2.60 -19.96
C VAL B 156 -14.89 1.35 -19.43
N SER B 157 -15.13 1.36 -18.12
CA SER B 157 -15.57 0.19 -17.40
C SER B 157 -16.48 0.60 -16.26
N ALA B 158 -17.24 -0.38 -15.79
CA ALA B 158 -18.19 -0.16 -14.70
C ALA B 158 -17.46 0.28 -13.44
N PRO B 159 -18.12 1.06 -12.59
CA PRO B 159 -17.53 1.42 -11.29
C PRO B 159 -16.85 0.28 -10.56
N SER B 160 -17.54 -0.86 -10.38
CA SER B 160 -16.95 -1.92 -9.59
C SER B 160 -15.85 -2.67 -10.35
N VAL B 161 -15.82 -2.55 -11.68
CA VAL B 161 -14.73 -3.15 -12.44
C VAL B 161 -13.44 -2.36 -12.21
N TRP B 162 -13.52 -1.03 -12.18
CA TRP B 162 -12.38 -0.21 -11.77
C TRP B 162 -11.86 -0.65 -10.42
N GLN B 163 -12.79 -0.84 -9.47
CA GLN B 163 -12.40 -1.10 -8.09
C GLN B 163 -11.79 -2.49 -7.92
N GLN B 164 -12.13 -3.43 -8.81
CA GLN B 164 -11.53 -4.75 -8.80
C GLN B 164 -10.28 -4.86 -9.66
N THR B 165 -9.81 -3.76 -10.23
CA THR B 165 -8.55 -3.77 -10.96
C THR B 165 -7.39 -3.66 -9.98
N THR B 166 -6.44 -4.58 -10.07
CA THR B 166 -5.28 -4.52 -9.19
C THR B 166 -4.60 -3.16 -9.33
N GLY B 167 -4.23 -2.58 -8.19
CA GLY B 167 -3.75 -1.21 -8.10
C GLY B 167 -4.81 -0.21 -7.70
N SER B 168 -6.08 -0.61 -7.66
CA SER B 168 -7.16 0.33 -7.40
C SER B 168 -7.07 0.93 -6.01
N ALA B 169 -7.66 2.12 -5.86
CA ALA B 169 -7.77 2.74 -4.55
C ALA B 169 -8.54 1.86 -3.59
N LEU B 170 -9.59 1.20 -4.08
CA LEU B 170 -10.39 0.35 -3.20
C LEU B 170 -9.57 -0.80 -2.64
N THR B 171 -8.88 -1.54 -3.50
CA THR B 171 -8.08 -2.66 -2.99
C THR B 171 -6.93 -2.17 -2.11
N THR B 172 -6.37 -1.00 -2.45
CA THR B 172 -5.34 -0.39 -1.61
C THR B 172 -5.88 -0.11 -0.21
N ALA B 173 -7.07 0.51 -0.14
CA ALA B 173 -7.65 0.86 1.15
C ALA B 173 -7.98 -0.38 1.98
N LEU B 174 -8.54 -1.43 1.34
CA LEU B 174 -8.82 -2.66 2.06
C LEU B 174 -7.56 -3.21 2.71
N ARG B 175 -6.49 -3.30 1.93
CA ARG B 175 -5.22 -3.82 2.45
C ARG B 175 -4.72 -2.96 3.59
N ASN B 176 -4.70 -1.64 3.42
CA ASN B 176 -4.07 -0.78 4.41
C ASN B 176 -4.89 -0.64 5.68
N ALA B 177 -6.18 -0.93 5.63
CA ALA B 177 -7.02 -0.92 6.83
C ALA B 177 -6.97 -2.25 7.58
N GLY B 178 -6.26 -3.24 7.06
CA GLY B 178 -6.11 -4.52 7.74
C GLY B 178 -6.90 -5.65 7.15
N GLY B 179 -7.54 -5.45 6.00
CA GLY B 179 -8.52 -6.35 5.45
C GLY B 179 -8.01 -7.53 4.68
N LEU B 180 -6.70 -7.72 4.54
CA LEU B 180 -6.16 -8.94 3.94
C LEU B 180 -5.82 -9.98 4.99
N THR B 181 -6.23 -9.77 6.23
CA THR B 181 -6.24 -10.78 7.28
C THR B 181 -7.69 -11.07 7.61
N GLN B 182 -8.02 -12.33 7.90
CA GLN B 182 -9.41 -12.64 8.16
C GLN B 182 -9.87 -11.90 9.41
N ILE B 183 -11.17 -11.58 9.43
CA ILE B 183 -11.80 -10.89 10.54
C ILE B 183 -12.75 -11.81 11.30
N VAL B 184 -13.53 -12.60 10.58
CA VAL B 184 -14.26 -13.72 11.15
C VAL B 184 -13.67 -14.98 10.53
N PRO B 185 -13.97 -16.17 11.07
CA PRO B 185 -13.46 -17.40 10.45
C PRO B 185 -13.85 -17.47 8.98
N THR B 186 -12.86 -17.56 8.10
CA THR B 186 -13.08 -17.46 6.68
C THR B 186 -12.41 -18.61 5.97
N THR B 187 -13.10 -19.13 4.95
CA THR B 187 -12.55 -20.10 4.02
C THR B 187 -12.60 -19.47 2.64
N ASN B 188 -11.51 -19.58 1.90
CA ASN B 188 -11.40 -19.07 0.53
C ASN B 188 -11.09 -20.23 -0.38
N LEU B 189 -12.02 -20.56 -1.28
N LEU B 189 -12.04 -20.59 -1.25
CA LEU B 189 -11.85 -21.62 -2.26
CA LEU B 189 -11.83 -21.62 -2.25
C LEU B 189 -11.61 -20.98 -3.62
C LEU B 189 -11.59 -20.97 -3.60
N TYR B 190 -10.49 -21.33 -4.25
CA TYR B 190 -10.13 -20.70 -5.51
C TYR B 190 -9.31 -21.64 -6.38
N SER B 191 -9.00 -21.17 -7.58
CA SER B 191 -8.42 -22.02 -8.62
C SER B 191 -7.29 -21.30 -9.34
N ALA B 192 -6.16 -22.00 -9.51
CA ALA B 192 -5.04 -21.47 -10.28
C ALA B 192 -5.43 -21.18 -11.72
N THR B 193 -6.45 -21.87 -12.25
CA THR B 193 -6.87 -21.70 -13.63
C THR B 193 -8.00 -20.70 -13.79
N ASP B 194 -8.29 -19.91 -12.76
CA ASP B 194 -9.26 -18.83 -12.86
C ASP B 194 -8.91 -17.91 -14.03
N GLU B 195 -9.87 -17.72 -14.93
CA GLU B 195 -9.66 -16.92 -16.14
C GLU B 195 -10.08 -15.47 -15.96
N ILE B 196 -10.60 -15.10 -14.79
CA ILE B 196 -11.04 -13.73 -14.49
C ILE B 196 -10.13 -13.08 -13.47
N VAL B 197 -9.80 -13.81 -12.40
CA VAL B 197 -9.03 -13.29 -11.26
C VAL B 197 -7.65 -13.94 -11.28
N GLN B 198 -6.61 -13.12 -11.38
CA GLN B 198 -5.24 -13.55 -11.24
C GLN B 198 -4.47 -12.46 -10.52
N PRO B 199 -3.33 -12.79 -9.88
CA PRO B 199 -2.72 -14.11 -9.82
C PRO B 199 -3.33 -15.01 -8.75
N GLN B 200 -3.45 -16.28 -9.09
CA GLN B 200 -4.00 -17.29 -8.20
C GLN B 200 -3.18 -18.58 -8.23
N VAL B 201 -1.99 -18.57 -8.84
CA VAL B 201 -1.29 -19.81 -9.16
C VAL B 201 -0.32 -20.27 -8.07
N SER B 202 0.03 -19.41 -7.13
CA SER B 202 1.16 -19.66 -6.25
C SER B 202 0.83 -20.49 -5.01
N ASN B 203 -0.45 -20.64 -4.67
CA ASN B 203 -0.84 -21.27 -3.40
C ASN B 203 -0.07 -20.62 -2.25
N SER B 204 -0.14 -19.30 -2.21
CA SER B 204 0.69 -18.48 -1.34
C SER B 204 -0.03 -17.16 -1.08
N PRO B 205 0.51 -16.32 -0.18
CA PRO B 205 -0.11 -15.00 0.05
C PRO B 205 -0.12 -14.09 -1.16
N LEU B 206 0.56 -14.45 -2.26
CA LEU B 206 0.46 -13.68 -3.48
C LEU B 206 -0.92 -13.76 -4.10
N ASP B 207 -1.68 -14.81 -3.79
CA ASP B 207 -2.93 -15.06 -4.51
C ASP B 207 -3.98 -14.03 -4.10
N SER B 208 -4.79 -13.61 -5.08
CA SER B 208 -5.81 -12.61 -4.81
C SER B 208 -6.85 -13.09 -3.81
N SER B 209 -7.10 -14.41 -3.75
CA SER B 209 -8.10 -14.94 -2.83
C SER B 209 -7.58 -15.21 -1.42
N TYR B 210 -6.30 -14.92 -1.14
CA TYR B 210 -5.67 -15.36 0.10
C TYR B 210 -5.92 -14.35 1.22
N LEU B 211 -6.25 -14.87 2.41
CA LEU B 211 -6.34 -14.05 3.61
C LEU B 211 -5.50 -14.67 4.71
N PHE B 212 -4.69 -13.85 5.38
CA PHE B 212 -3.89 -14.36 6.48
C PHE B 212 -4.81 -14.89 7.58
N ASN B 213 -4.45 -16.04 8.14
CA ASN B 213 -5.20 -16.79 9.14
C ASN B 213 -6.47 -17.42 8.60
N GLY B 214 -6.80 -17.20 7.33
CA GLY B 214 -7.92 -17.89 6.74
C GLY B 214 -7.57 -19.32 6.35
N LYS B 215 -8.60 -20.07 6.00
CA LYS B 215 -8.45 -21.41 5.43
C LYS B 215 -8.44 -21.23 3.92
N ASN B 216 -7.24 -21.13 3.36
CA ASN B 216 -7.05 -20.80 1.95
C ASN B 216 -6.85 -22.09 1.17
N VAL B 217 -7.81 -22.41 0.32
CA VAL B 217 -7.87 -23.69 -0.38
C VAL B 217 -7.78 -23.41 -1.87
N GLN B 218 -6.58 -23.50 -2.41
CA GLN B 218 -6.39 -23.53 -3.86
C GLN B 218 -6.66 -24.95 -4.33
N ALA B 219 -7.62 -25.11 -5.24
CA ALA B 219 -8.10 -26.45 -5.58
C ALA B 219 -6.97 -27.35 -6.04
N GLN B 220 -6.01 -26.80 -6.79
CA GLN B 220 -4.94 -27.62 -7.35
C GLN B 220 -4.00 -28.13 -6.27
N ALA B 221 -3.87 -27.39 -5.16
CA ALA B 221 -3.04 -27.87 -4.05
C ALA B 221 -3.57 -29.19 -3.50
N VAL B 222 -4.89 -29.41 -3.59
CA VAL B 222 -5.50 -30.64 -3.11
C VAL B 222 -5.64 -31.66 -4.23
N CYS B 223 -6.03 -31.19 -5.42
CA CYS B 223 -6.49 -32.06 -6.49
C CYS B 223 -5.42 -32.37 -7.53
N GLY B 224 -4.28 -31.67 -7.50
CA GLY B 224 -3.23 -31.89 -8.46
C GLY B 224 -3.24 -30.85 -9.55
N PRO B 225 -2.12 -30.74 -10.29
CA PRO B 225 -2.02 -29.69 -11.31
C PRO B 225 -2.93 -29.90 -12.51
N LEU B 226 -3.48 -31.10 -12.70
CA LEU B 226 -4.37 -31.34 -13.82
C LEU B 226 -5.81 -30.94 -13.53
N PHE B 227 -6.14 -30.60 -12.29
CA PHE B 227 -7.49 -30.22 -11.94
C PHE B 227 -7.77 -28.82 -12.45
N VAL B 228 -8.87 -28.65 -13.17
CA VAL B 228 -9.19 -27.38 -13.82
C VAL B 228 -10.63 -27.02 -13.49
N ILE B 229 -10.82 -25.88 -12.83
CA ILE B 229 -12.13 -25.24 -12.73
C ILE B 229 -11.92 -23.75 -12.95
N ASP B 230 -12.87 -23.12 -13.64
CA ASP B 230 -12.75 -21.72 -14.01
C ASP B 230 -13.35 -20.84 -12.91
N HIS B 231 -13.54 -19.56 -13.21
CA HIS B 231 -14.04 -18.63 -12.21
C HIS B 231 -15.42 -19.05 -11.70
N ALA B 232 -16.31 -19.44 -12.63
CA ALA B 232 -17.65 -19.88 -12.24
C ALA B 232 -17.61 -21.27 -11.62
N GLY B 233 -16.75 -22.16 -12.14
CA GLY B 233 -16.61 -23.49 -11.57
C GLY B 233 -16.10 -23.47 -10.15
N SER B 234 -15.38 -22.41 -9.78
CA SER B 234 -14.94 -22.26 -8.40
C SER B 234 -16.13 -22.20 -7.45
N LEU B 235 -17.27 -21.68 -7.92
CA LEU B 235 -18.48 -21.64 -7.12
C LEU B 235 -19.29 -22.93 -7.21
N THR B 236 -19.36 -23.54 -8.40
CA THR B 236 -20.39 -24.52 -8.69
C THR B 236 -19.93 -25.97 -8.63
N SER B 237 -18.62 -26.24 -8.57
CA SER B 237 -18.14 -27.61 -8.75
C SER B 237 -18.47 -28.50 -7.55
N GLN B 238 -18.43 -29.81 -7.80
CA GLN B 238 -18.62 -30.75 -6.69
C GLN B 238 -17.53 -30.56 -5.64
N PHE B 239 -16.28 -30.35 -6.07
CA PHE B 239 -15.23 -30.09 -5.10
C PHE B 239 -15.56 -28.87 -4.26
N SER B 240 -16.00 -27.80 -4.92
CA SER B 240 -16.40 -26.59 -4.21
C SER B 240 -17.50 -26.87 -3.21
N TYR B 241 -18.46 -27.74 -3.57
CA TYR B 241 -19.54 -28.08 -2.65
C TYR B 241 -19.01 -28.77 -1.40
N VAL B 242 -18.11 -29.75 -1.57
CA VAL B 242 -17.58 -30.46 -0.42
C VAL B 242 -16.84 -29.50 0.51
N VAL B 243 -16.05 -28.59 -0.05
CA VAL B 243 -15.33 -27.63 0.79
C VAL B 243 -16.31 -26.70 1.49
N GLY B 244 -17.31 -26.20 0.77
CA GLY B 244 -18.26 -25.29 1.38
C GLY B 244 -19.08 -25.97 2.46
N ARG B 245 -19.49 -27.22 2.22
CA ARG B 245 -20.19 -27.98 3.24
C ARG B 245 -19.33 -28.14 4.48
N SER B 246 -18.04 -28.43 4.29
CA SER B 246 -17.12 -28.52 5.43
C SER B 246 -17.11 -27.20 6.21
N ALA B 247 -16.97 -26.08 5.51
CA ALA B 247 -16.90 -24.80 6.18
C ALA B 247 -18.18 -24.49 6.96
N LEU B 248 -19.34 -24.80 6.36
CA LEU B 248 -20.61 -24.44 7.00
C LEU B 248 -20.87 -25.29 8.24
N ARG B 249 -20.36 -26.51 8.27
CA ARG B 249 -20.61 -27.40 9.41
C ARG B 249 -19.53 -27.32 10.49
N SER B 250 -18.37 -26.75 10.18
CA SER B 250 -17.23 -26.85 11.09
C SER B 250 -17.47 -26.04 12.37
N THR B 251 -17.10 -26.65 13.51
CA THR B 251 -17.16 -25.92 14.78
C THR B 251 -16.18 -24.76 14.82
N THR B 252 -15.13 -24.78 13.97
CA THR B 252 -14.15 -23.71 13.91
C THR B 252 -14.55 -22.58 12.98
N GLY B 253 -15.62 -22.74 12.22
CA GLY B 253 -16.02 -21.77 11.23
C GLY B 253 -15.23 -21.81 9.94
N GLN B 254 -14.28 -22.74 9.80
CA GLN B 254 -13.50 -22.89 8.59
C GLN B 254 -13.57 -24.34 8.12
N ALA B 255 -13.43 -24.53 6.81
CA ALA B 255 -13.36 -25.88 6.26
C ALA B 255 -12.17 -26.63 6.85
N ARG B 256 -12.31 -27.95 6.94
CA ARG B 256 -11.30 -28.82 7.55
C ARG B 256 -10.75 -29.78 6.50
N SER B 257 -9.42 -29.88 6.43
CA SER B 257 -8.78 -30.77 5.46
C SER B 257 -9.27 -32.21 5.59
N ALA B 258 -9.60 -32.66 6.81
CA ALA B 258 -10.04 -34.04 7.00
C ALA B 258 -11.37 -34.32 6.31
N ASP B 259 -12.11 -33.29 5.90
CA ASP B 259 -13.43 -33.45 5.32
C ASP B 259 -13.43 -33.62 3.81
N TYR B 260 -12.28 -33.46 3.15
CA TYR B 260 -12.22 -33.60 1.70
C TYR B 260 -10.91 -34.23 1.29
N GLY B 261 -10.91 -34.83 0.11
CA GLY B 261 -9.74 -35.48 -0.41
C GLY B 261 -9.85 -35.71 -1.89
N ILE B 262 -8.94 -36.55 -2.40
CA ILE B 262 -8.77 -36.71 -3.84
C ILE B 262 -10.06 -37.19 -4.49
N THR B 263 -10.83 -38.04 -3.81
CA THR B 263 -12.06 -38.54 -4.42
C THR B 263 -13.09 -37.44 -4.65
N ASP B 264 -12.97 -36.30 -3.96
CA ASP B 264 -13.90 -35.20 -4.14
C ASP B 264 -13.52 -34.29 -5.30
N CYS B 265 -12.44 -34.57 -6.01
CA CYS B 265 -11.91 -33.63 -7.00
C CYS B 265 -12.62 -33.83 -8.33
N ASN B 266 -13.89 -33.48 -8.34
CA ASN B 266 -14.75 -33.52 -9.50
C ASN B 266 -15.04 -32.07 -9.91
N PRO B 267 -14.64 -31.65 -11.11
CA PRO B 267 -14.79 -30.24 -11.50
C PRO B 267 -16.17 -29.89 -12.01
N LEU B 268 -17.02 -30.87 -12.27
CA LEU B 268 -18.34 -30.62 -12.84
C LEU B 268 -19.27 -30.10 -11.77
N PRO B 269 -20.41 -29.54 -12.18
CA PRO B 269 -21.35 -29.00 -11.19
C PRO B 269 -21.75 -30.03 -10.15
N ALA B 270 -21.99 -29.54 -8.94
CA ALA B 270 -22.18 -30.39 -7.77
C ALA B 270 -23.20 -31.49 -8.05
N ASN B 271 -22.87 -32.70 -7.57
CA ASN B 271 -23.66 -33.88 -7.88
C ASN B 271 -25.13 -33.73 -7.51
N ASP B 272 -25.41 -33.06 -6.39
CA ASP B 272 -26.79 -33.00 -5.90
C ASP B 272 -27.66 -32.04 -6.69
N LEU B 273 -27.09 -31.26 -7.59
CA LEU B 273 -27.90 -30.44 -8.46
C LEU B 273 -28.66 -31.32 -9.44
N THR B 274 -29.87 -30.88 -9.79
CA THR B 274 -30.63 -31.58 -10.83
C THR B 274 -29.93 -31.39 -12.17
N PRO B 275 -30.26 -32.22 -13.16
CA PRO B 275 -29.66 -32.00 -14.49
C PRO B 275 -29.87 -30.58 -15.00
N GLU B 276 -31.05 -29.99 -14.78
N GLU B 276 -31.06 -30.00 -14.82
CA GLU B 276 -31.29 -28.62 -15.25
CA GLU B 276 -31.30 -28.62 -15.25
C GLU B 276 -30.40 -27.63 -14.54
C GLU B 276 -30.34 -27.67 -14.55
N GLN B 277 -30.18 -27.82 -13.23
CA GLN B 277 -29.33 -26.91 -12.49
C GLN B 277 -27.88 -27.05 -12.93
N LYS B 278 -27.45 -28.27 -13.24
CA LYS B 278 -26.07 -28.45 -13.71
C LYS B 278 -25.84 -27.70 -15.02
N VAL B 279 -26.82 -27.72 -15.92
CA VAL B 279 -26.70 -26.98 -17.17
C VAL B 279 -26.63 -25.48 -16.89
N ALA B 280 -27.55 -24.99 -16.08
CA ALA B 280 -27.57 -23.56 -15.76
C ALA B 280 -26.29 -23.14 -15.03
N ALA B 281 -25.78 -24.02 -14.16
CA ALA B 281 -24.54 -23.70 -13.43
C ALA B 281 -23.36 -23.59 -14.38
N ALA B 282 -23.29 -24.48 -15.37
CA ALA B 282 -22.19 -24.41 -16.34
C ALA B 282 -22.23 -23.10 -17.11
N ALA B 283 -23.43 -22.53 -17.29
CA ALA B 283 -23.61 -21.29 -18.06
C ALA B 283 -23.71 -20.06 -17.15
N LEU B 284 -23.13 -20.13 -15.96
CA LEU B 284 -23.36 -19.11 -14.95
C LEU B 284 -22.90 -17.73 -15.40
N LEU B 285 -21.82 -17.66 -16.16
CA LEU B 285 -21.15 -16.39 -16.36
C LEU B 285 -21.81 -15.52 -17.43
N ALA B 286 -22.62 -16.10 -18.33
CA ALA B 286 -23.07 -15.36 -19.49
C ALA B 286 -23.86 -14.10 -19.16
N PRO B 287 -24.77 -14.09 -18.19
CA PRO B 287 -25.50 -12.84 -17.89
C PRO B 287 -24.59 -11.69 -17.53
N ALA B 288 -23.41 -11.97 -16.98
CA ALA B 288 -22.51 -10.89 -16.56
C ALA B 288 -22.10 -10.03 -17.74
N ALA B 289 -21.72 -10.66 -18.85
CA ALA B 289 -21.33 -9.88 -20.03
C ALA B 289 -22.49 -9.02 -20.51
N ALA B 290 -23.70 -9.57 -20.52
CA ALA B 290 -24.84 -8.80 -20.99
C ALA B 290 -25.10 -7.60 -20.09
N ALA B 291 -25.00 -7.77 -18.77
CA ALA B 291 -25.16 -6.64 -17.88
C ALA B 291 -24.08 -5.59 -18.10
N ILE B 292 -22.85 -6.03 -18.36
CA ILE B 292 -21.76 -5.09 -18.62
C ILE B 292 -22.06 -4.26 -19.87
N VAL B 293 -22.52 -4.93 -20.93
CA VAL B 293 -22.77 -4.22 -22.19
C VAL B 293 -23.79 -3.10 -21.98
N ALA B 294 -24.85 -3.38 -21.24
CA ALA B 294 -25.92 -2.41 -21.02
C ALA B 294 -25.68 -1.49 -19.83
N GLY B 295 -24.63 -1.72 -19.05
CA GLY B 295 -24.49 -1.09 -17.77
C GLY B 295 -23.60 0.14 -17.74
N PRO B 296 -23.43 0.68 -16.54
CA PRO B 296 -22.63 1.90 -16.41
C PRO B 296 -21.17 1.67 -16.79
N LYS B 297 -20.57 2.72 -17.36
CA LYS B 297 -19.17 2.71 -17.76
C LYS B 297 -18.60 4.10 -17.51
N GLN B 298 -17.34 4.14 -17.08
CA GLN B 298 -16.68 5.41 -16.80
C GLN B 298 -15.18 5.27 -17.00
N ASN B 299 -14.49 6.41 -16.99
CA ASN B 299 -13.06 6.47 -17.30
C ASN B 299 -12.20 6.69 -16.07
N CYS B 300 -12.74 6.45 -14.87
CA CYS B 300 -12.01 6.70 -13.63
C CYS B 300 -12.63 5.83 -12.54
N GLU B 301 -11.83 5.56 -11.50
CA GLU B 301 -12.32 4.76 -10.39
C GLU B 301 -13.18 5.61 -9.47
N PRO B 302 -14.32 5.10 -9.00
CA PRO B 302 -15.15 5.86 -8.06
C PRO B 302 -14.36 6.33 -6.85
N ASP B 303 -14.74 7.50 -6.35
CA ASP B 303 -14.12 8.04 -5.14
C ASP B 303 -14.38 7.10 -3.95
N LEU B 304 -13.38 7.01 -3.09
CA LEU B 304 -13.57 6.33 -1.83
C LEU B 304 -14.44 7.16 -0.91
N MET B 305 -15.31 6.49 -0.16
CA MET B 305 -16.10 7.15 0.85
C MET B 305 -15.17 7.64 1.96
N PRO B 306 -15.61 8.64 2.74
CA PRO B 306 -14.71 9.22 3.75
C PRO B 306 -14.11 8.22 4.72
N TYR B 307 -14.84 7.16 5.08
CA TYR B 307 -14.30 6.21 6.05
C TYR B 307 -13.10 5.44 5.51
N ALA B 308 -12.93 5.37 4.20
CA ALA B 308 -11.85 4.60 3.58
C ALA B 308 -10.74 5.46 3.01
N ARG B 309 -11.00 6.74 2.74
CA ARG B 309 -9.99 7.59 2.11
C ARG B 309 -8.65 7.59 2.84
N PRO B 310 -8.59 7.60 4.17
CA PRO B 310 -7.27 7.69 4.83
C PRO B 310 -6.35 6.52 4.52
N PHE B 311 -6.88 5.45 3.95
CA PHE B 311 -6.11 4.23 3.70
C PHE B 311 -5.60 4.12 2.27
N ALA B 312 -5.81 5.14 1.43
CA ALA B 312 -5.34 5.10 0.05
C ALA B 312 -4.86 6.46 -0.41
N VAL B 313 -4.24 7.22 0.50
CA VAL B 313 -3.65 8.51 0.15
C VAL B 313 -2.70 8.32 -1.01
N GLY B 314 -2.79 9.19 -2.01
CA GLY B 314 -1.93 9.16 -3.17
C GLY B 314 -2.53 8.48 -4.39
N LYS B 315 -3.55 7.66 -4.21
CA LYS B 315 -4.24 7.02 -5.33
C LYS B 315 -5.17 8.02 -6.01
N ARG B 316 -5.45 7.77 -7.28
CA ARG B 316 -6.26 8.69 -8.08
C ARG B 316 -7.62 8.08 -8.36
N THR B 317 -8.67 8.79 -7.96
CA THR B 317 -10.05 8.43 -8.27
C THR B 317 -10.65 9.58 -9.09
N CYS B 318 -11.95 9.48 -9.36
CA CYS B 318 -12.57 10.40 -10.30
C CYS B 318 -12.39 11.86 -9.91
N SER B 319 -12.41 12.17 -8.60
CA SER B 319 -12.29 13.55 -8.17
C SER B 319 -10.84 14.03 -8.08
N GLY B 320 -9.87 13.13 -8.25
CA GLY B 320 -8.47 13.47 -8.22
C GLY B 320 -7.68 12.59 -7.26
N ILE B 321 -6.47 13.04 -6.96
CA ILE B 321 -5.59 12.31 -6.07
C ILE B 321 -6.08 12.44 -4.64
N VAL B 322 -6.16 11.29 -3.96
CA VAL B 322 -6.59 11.28 -2.56
C VAL B 322 -5.53 11.95 -1.69
N THR B 323 -5.95 12.93 -0.92
CA THR B 323 -5.08 13.65 0.00
C THR B 323 -5.33 13.19 1.42
N PRO B 324 -4.37 13.42 2.32
CA PRO B 324 -4.55 13.03 3.72
C PRO B 324 -5.47 13.99 4.46
O1 TLA C . 4.35 31.25 1.80
O11 TLA C . 5.63 29.79 0.82
C1 TLA C . 4.53 30.10 1.34
C2 TLA C . 3.42 29.06 1.43
O2 TLA C . 3.96 27.78 1.26
C3 TLA C . 2.39 29.32 0.34
O3 TLA C . 3.03 29.79 -0.81
C4 TLA C . 1.64 28.02 0.04
O4 TLA C . 1.13 27.36 0.97
O41 TLA C . 1.54 27.63 -1.16
H2 TLA C . 2.94 29.13 2.40
HA TLA C . 4.79 27.85 0.82
H3 TLA C . 1.67 30.08 0.68
HB TLA C . 3.02 29.11 -1.47
NA NA D . 22.84 -4.32 -12.24
C1 PEG E . -14.73 -8.57 -12.50
O1 PEG E . -13.41 -8.19 -12.23
C2 PEG E . -14.92 -8.72 -14.01
O2 PEG E . -16.11 -9.40 -14.25
C3 PEG E . -16.16 -10.04 -15.51
C4 PEG E . -17.43 -10.89 -15.58
O4 PEG E . -17.63 -11.52 -14.34
H11 PEG E . -15.41 -7.82 -12.12
H12 PEG E . -14.94 -9.53 -12.03
HO1 PEG E . -13.19 -7.43 -12.75
H21 PEG E . -14.08 -9.27 -14.43
H22 PEG E . -14.97 -7.73 -14.46
H31 PEG E . -15.29 -10.68 -15.63
H32 PEG E . -16.17 -9.30 -16.29
H41 PEG E . -17.32 -11.64 -16.35
H42 PEG E . -18.28 -10.26 -15.80
HO4 PEG E . -17.35 -10.95 -13.64
O1 PG4 F . -4.69 -10.90 -24.58
C1 PG4 F . -3.37 -10.86 -24.07
C2 PG4 F . -3.04 -9.43 -23.64
O2 PG4 F . -3.31 -8.56 -24.70
C3 PG4 F . -2.94 -7.23 -24.47
C4 PG4 F . -4.11 -6.42 -23.91
O3 PG4 F . -4.53 -6.92 -22.67
C5 PG4 F . -3.67 -6.69 -21.60
C6 PG4 F . -4.29 -7.29 -20.32
O4 PG4 F . -3.25 -7.78 -19.51
C7 PG4 F . -3.71 -8.52 -18.41
C8 PG4 F . -2.51 -9.06 -17.64
O5 PG4 F . -1.51 -8.07 -17.57
HO1 PG4 F . -4.90 -11.80 -24.82
H11 PG4 F . -2.68 -11.18 -24.84
H12 PG4 F . -3.30 -11.53 -23.21
H21 PG4 F . -1.99 -9.37 -23.38
H22 PG4 F . -3.64 -9.16 -22.79
H31 PG4 F . -2.63 -6.78 -25.42
H32 PG4 F . -2.12 -7.20 -23.77
H41 PG4 F . -4.94 -6.46 -24.60
H42 PG4 F . -3.79 -5.39 -23.77
H51 PG4 F . -3.52 -5.64 -21.46
H52 PG4 F . -2.72 -7.18 -21.79
H61 PG4 F . -4.96 -8.10 -20.59
H62 PG4 F . -4.83 -6.52 -19.80
H71 PG4 F . -4.32 -9.35 -18.77
H72 PG4 F . -4.30 -7.89 -17.76
H81 PG4 F . -2.81 -9.34 -16.64
H82 PG4 F . -2.11 -9.93 -18.16
HO5 PG4 F . -1.53 -7.54 -18.35
O1 TLA G . -8.10 -28.51 8.51
O11 TLA G . -6.84 -26.77 8.17
C1 TLA G . -7.01 -27.90 8.68
C2 TLA G . -5.89 -28.54 9.51
O2 TLA G . -6.34 -28.72 10.83
C3 TLA G . -4.64 -27.68 9.49
O3 TLA G . -4.31 -27.37 8.17
C4 TLA G . -4.86 -26.37 10.28
O4 TLA G . -6.02 -26.01 10.60
O41 TLA G . -3.87 -25.67 10.59
H2 TLA G . -5.65 -29.51 9.08
HA TLA G . -6.61 -27.89 11.20
H3 TLA G . -3.85 -28.22 9.97
HB TLA G . -4.53 -26.47 7.99
NA NA H . -20.44 -1.97 -17.74
#